data_4FS9
#
_entry.id   4FS9
#
_cell.length_a   142.418
_cell.length_b   118.109
_cell.length_c   74.024
_cell.angle_alpha   90.00
_cell.angle_beta   99.87
_cell.angle_gamma   90.00
#
_symmetry.space_group_name_H-M   'C 1 2 1'
#
loop_
_entity.id
_entity.type
_entity.pdbx_description
1 polymer 'Broad specificity amino acid racemase'
2 non-polymer N~2~-({3-HYDROXY-2-METHYL-5-[(PHOSPHONOOXY)METHYL]PYRIDIN-4-YL}METHYL)-L-LYSINE
3 water water
#
_entity_poly.entity_id   1
_entity_poly.type   'polypeptide(L)'
_entity_poly.pdbx_seq_one_letter_code
;MPFRRTLLAASLALLITGQAPLYAAPPLSMDNGTNALTVQNSNAWVEVSASALQHNIRTLQAELAGKSRLCAVLKADAYG
HGIGLVMPSIIAQGVPCVAVASNEEARVVRASGFTGQLVRVRLASLSELEDALQYDMEELVGSAEFARQVDAIAARHGKT
LRIHMALNSSGMSRNGVEMATWSGRGEALQITDQKHLKLVALMTHFAVEDKDDVRKGLAAFNEQTDWLIKHAKLDRSKLT
LHAANSFATLEVPEARLDMVRTGGALFGDTVPARTEYQRAMQFKSHVAAVHSYPAGNTVGYDRTFTLARDSRLANITVGY
SDGYRRVFTNKGHVLINGHRIPVVGKVSMNTLMVDVTDFPDVKGGNEVVLFGKQAGGEITQAEMEEINGALLADLYTVWG
SSNPKILVD
;
_entity_poly.pdbx_strand_id   A,B
#
# COMPACT_ATOMS: atom_id res chain seq x y z
N PRO A 26 -2.05 2.64 -9.03
CA PRO A 26 -1.49 1.30 -8.76
C PRO A 26 -1.21 0.56 -10.06
N PRO A 27 -0.36 1.14 -10.92
CA PRO A 27 -0.10 0.67 -12.31
C PRO A 27 0.26 -0.79 -12.41
N LEU A 28 -0.35 -1.46 -13.37
CA LEU A 28 -0.23 -2.89 -13.52
C LEU A 28 0.82 -3.28 -14.57
N SER A 29 1.62 -2.32 -15.00
CA SER A 29 2.73 -2.58 -15.92
C SER A 29 3.81 -1.53 -15.70
N MET A 30 4.99 -1.96 -15.23
CA MET A 30 6.09 -1.03 -14.97
C MET A 30 7.37 -1.53 -15.67
N ASP A 31 8.17 -0.60 -16.17
CA ASP A 31 9.51 -0.97 -16.67
C ASP A 31 10.59 -0.29 -15.89
N ASN A 32 10.95 -0.88 -14.75
CA ASN A 32 11.96 -0.31 -13.86
C ASN A 32 11.51 0.95 -13.16
N GLY A 33 10.26 0.95 -12.70
CA GLY A 33 9.68 2.15 -12.08
C GLY A 33 8.91 3.04 -13.03
N THR A 34 9.16 2.94 -14.34
CA THR A 34 8.44 3.79 -15.33
C THR A 34 7.13 3.19 -15.84
N ASN A 35 6.04 3.93 -15.66
CA ASN A 35 4.72 3.55 -16.20
C ASN A 35 4.29 4.40 -17.39
N ALA A 36 3.20 4.01 -18.02
CA ALA A 36 2.76 4.69 -19.22
C ALA A 36 1.63 5.65 -18.87
N LEU A 37 1.34 5.76 -17.58
CA LEU A 37 0.11 6.44 -17.11
C LEU A 37 0.19 7.96 -17.20
N THR A 38 -0.91 8.62 -17.53
CA THR A 38 -0.99 10.07 -17.40
C THR A 38 -1.83 10.47 -16.18
N VAL A 39 -1.81 11.77 -15.85
CA VAL A 39 -2.71 12.32 -14.83
C VAL A 39 -4.17 12.15 -15.26
N GLN A 40 -4.38 12.22 -16.57
CA GLN A 40 -5.72 12.13 -17.19
C GLN A 40 -6.37 10.78 -16.95
N ASN A 41 -5.60 9.70 -17.13
CA ASN A 41 -6.14 8.34 -17.09
C ASN A 41 -5.75 7.61 -15.83
N SER A 42 -5.20 8.33 -14.86
CA SER A 42 -4.96 7.76 -13.53
C SER A 42 -5.97 8.31 -12.54
N ASN A 43 -6.51 7.42 -11.72
CA ASN A 43 -7.62 7.75 -10.81
C ASN A 43 -7.17 8.62 -9.59
N ALA A 44 -6.11 8.19 -8.92
CA ALA A 44 -5.41 8.97 -7.91
C ALA A 44 -3.90 8.84 -8.18
N TRP A 45 -3.13 9.90 -7.93
CA TRP A 45 -1.71 9.88 -8.26
C TRP A 45 -0.84 10.62 -7.28
N VAL A 46 0.43 10.29 -7.32
CA VAL A 46 1.38 10.82 -6.43
C VAL A 46 2.40 11.55 -7.24
N GLU A 47 2.63 12.81 -6.86
CA GLU A 47 3.54 13.67 -7.59
C GLU A 47 4.84 13.89 -6.84
N VAL A 48 5.88 13.18 -7.28
CA VAL A 48 7.25 13.54 -6.95
C VAL A 48 7.74 14.81 -7.69
N SER A 49 8.05 15.84 -6.90
CA SER A 49 8.67 17.07 -7.41
C SER A 49 10.17 16.85 -7.70
N ALA A 50 10.50 16.60 -8.96
CA ALA A 50 11.92 16.49 -9.40
C ALA A 50 12.78 17.63 -8.86
N SER A 51 12.17 18.82 -8.76
CA SER A 51 12.89 20.03 -8.42
C SER A 51 13.23 20.13 -6.92
N ALA A 52 12.24 19.86 -6.08
CA ALA A 52 12.40 19.88 -4.63
C ALA A 52 13.51 18.94 -4.26
N LEU A 53 13.42 17.74 -4.80
CA LEU A 53 14.50 16.79 -4.81
C LEU A 53 15.89 17.41 -4.92
N GLN A 54 16.22 17.93 -6.12
CA GLN A 54 17.55 18.50 -6.41
C GLN A 54 17.93 19.55 -5.42
N HIS A 55 16.94 20.34 -5.01
CA HIS A 55 17.15 21.41 -4.04
C HIS A 55 17.46 20.84 -2.68
N ASN A 56 16.92 19.66 -2.40
CA ASN A 56 17.21 19.03 -1.14
C ASN A 56 18.61 18.38 -1.16
N ILE A 57 18.87 17.50 -2.12
CA ILE A 57 20.23 16.97 -2.36
C ILE A 57 21.27 18.12 -2.25
N ARG A 58 21.05 19.16 -3.05
CA ARG A 58 21.98 20.24 -3.19
C ARG A 58 22.21 20.91 -1.84
N THR A 59 21.13 21.08 -1.06
CA THR A 59 21.20 21.78 0.22
C THR A 59 21.97 20.97 1.25
N LEU A 60 21.62 19.70 1.38
CA LEU A 60 22.37 18.80 2.23
C LEU A 60 23.82 18.87 1.84
N GLN A 61 24.12 18.62 0.55
CA GLN A 61 25.50 18.63 0.02
C GLN A 61 26.36 19.80 0.46
N ALA A 62 25.76 20.99 0.49
CA ALA A 62 26.42 22.18 1.01
C ALA A 62 26.46 22.22 2.55
N GLU A 63 25.34 21.94 3.21
CA GLU A 63 25.33 21.94 4.67
C GLU A 63 26.39 21.01 5.21
N LEU A 64 26.65 19.93 4.48
CA LEU A 64 27.58 18.88 4.93
C LEU A 64 28.99 19.40 4.82
N ALA A 65 29.25 20.03 3.66
CA ALA A 65 30.40 20.94 3.45
C ALA A 65 31.77 20.29 3.10
N GLY A 66 31.75 19.11 2.50
CA GLY A 66 32.98 18.37 2.24
C GLY A 66 33.66 17.84 3.51
N LYS A 67 32.89 17.75 4.59
CA LYS A 67 33.37 17.16 5.82
C LYS A 67 32.82 15.73 5.96
N SER A 68 31.98 15.33 4.99
CA SER A 68 31.20 14.07 5.03
C SER A 68 30.58 13.70 3.66
N ARG A 69 30.38 12.40 3.45
CA ARG A 69 29.70 11.86 2.28
C ARG A 69 28.16 11.72 2.47
N LEU A 70 27.46 11.58 1.33
CA LEU A 70 26.00 11.42 1.32
C LEU A 70 25.60 10.03 0.77
N CYS A 71 24.97 9.16 1.58
CA CYS A 71 24.12 8.10 1.02
C CYS A 71 22.76 8.64 1.02
N ALA A 72 22.16 8.62 -0.15
CA ALA A 72 20.79 8.94 -0.25
C ALA A 72 20.00 7.68 0.17
N VAL A 73 19.28 7.77 1.30
CA VAL A 73 18.51 6.60 1.76
C VAL A 73 17.18 6.45 1.05
N LEU A 74 17.15 5.42 0.19
CA LEU A 74 16.21 5.31 -0.93
C LEU A 74 15.36 4.04 -0.87
N LYS A 75 15.36 3.36 0.27
CA LYS A 75 14.51 2.19 0.50
C LYS A 75 13.01 2.55 0.51
N ALA A 76 12.13 1.56 0.44
CA ALA A 76 10.69 1.82 0.25
C ALA A 76 10.46 2.54 -1.10
N ASP A 77 11.28 2.15 -2.07
CA ASP A 77 11.14 2.68 -3.40
C ASP A 77 11.33 4.19 -3.36
N ALA A 78 12.31 4.63 -2.58
CA ALA A 78 12.51 6.03 -2.39
C ALA A 78 11.37 6.61 -1.54
N TYR A 79 11.04 5.95 -0.45
CA TYR A 79 9.98 6.44 0.45
C TYR A 79 8.67 6.75 -0.31
N GLY A 80 8.40 5.99 -1.36
CA GLY A 80 7.19 6.18 -2.14
C GLY A 80 7.34 7.31 -3.15
N HIS A 81 8.57 7.50 -3.63
CA HIS A 81 8.84 8.54 -4.62
C HIS A 81 9.34 7.96 -5.93
N GLY A 82 9.72 6.69 -5.91
CA GLY A 82 10.09 6.00 -7.13
C GLY A 82 11.59 6.00 -7.32
N ILE A 83 12.25 5.00 -6.76
CA ILE A 83 13.69 4.90 -6.87
C ILE A 83 14.08 5.10 -8.32
N GLY A 84 13.32 4.52 -9.24
CA GLY A 84 13.52 4.70 -10.70
C GLY A 84 13.40 6.14 -11.14
N LEU A 85 12.47 6.87 -10.54
CA LEU A 85 12.23 8.33 -10.80
C LEU A 85 13.33 9.29 -10.24
N VAL A 86 13.94 8.86 -9.14
CA VAL A 86 14.81 9.71 -8.38
C VAL A 86 16.29 9.46 -8.75
N MET A 87 16.55 8.27 -9.28
CA MET A 87 17.89 7.85 -9.65
C MET A 87 18.68 8.80 -10.66
N PRO A 88 18.03 9.22 -11.76
CA PRO A 88 18.46 10.41 -12.51
C PRO A 88 19.16 11.48 -11.69
N SER A 89 18.46 12.00 -10.68
CA SER A 89 18.90 13.18 -9.89
C SER A 89 19.94 12.85 -8.84
N ILE A 90 19.92 11.64 -8.33
CA ILE A 90 21.00 11.22 -7.47
C ILE A 90 22.27 11.18 -8.30
N ILE A 91 22.18 10.58 -9.49
CA ILE A 91 23.30 10.59 -10.45
C ILE A 91 23.69 12.02 -10.84
N ALA A 92 22.68 12.83 -11.21
CA ALA A 92 22.87 14.22 -11.60
C ALA A 92 23.75 15.00 -10.63
N GLN A 93 23.35 15.05 -9.36
CA GLN A 93 24.14 15.74 -8.31
C GLN A 93 25.31 14.87 -7.79
N GLY A 94 25.93 14.11 -8.70
CA GLY A 94 26.93 13.08 -8.36
C GLY A 94 27.02 12.60 -6.90
N VAL A 95 25.86 12.37 -6.22
CA VAL A 95 25.86 11.68 -4.88
C VAL A 95 26.63 10.36 -4.98
N PRO A 96 27.54 10.11 -4.01
CA PRO A 96 28.48 8.99 -4.05
C PRO A 96 27.86 7.69 -3.67
N CYS A 97 26.83 7.74 -2.81
CA CYS A 97 26.30 6.52 -2.19
C CYS A 97 24.77 6.42 -2.08
N VAL A 98 24.27 5.19 -2.11
CA VAL A 98 22.84 4.91 -2.07
C VAL A 98 22.50 3.71 -1.17
N ALA A 99 21.67 3.94 -0.16
CA ALA A 99 21.15 2.85 0.66
C ALA A 99 19.85 2.35 0.06
N VAL A 100 19.68 1.02 -0.01
CA VAL A 100 18.40 0.40 -0.32
C VAL A 100 18.09 -0.65 0.72
N ALA A 101 16.93 -1.28 0.56
CA ALA A 101 16.46 -2.36 1.46
C ALA A 101 16.08 -3.62 0.69
N SER A 102 15.22 -3.48 -0.32
CA SER A 102 14.78 -4.61 -1.15
C SER A 102 15.65 -4.86 -2.39
N ASN A 103 15.76 -6.12 -2.78
CA ASN A 103 16.58 -6.54 -3.88
C ASN A 103 16.25 -5.78 -5.16
N GLU A 104 14.96 -5.48 -5.36
CA GLU A 104 14.54 -4.79 -6.60
C GLU A 104 15.14 -3.38 -6.65
N GLU A 105 14.96 -2.65 -5.55
CA GLU A 105 15.60 -1.36 -5.41
C GLU A 105 17.05 -1.42 -5.87
N ALA A 106 17.74 -2.49 -5.50
CA ALA A 106 19.11 -2.72 -5.96
C ALA A 106 19.22 -2.89 -7.48
N ARG A 107 18.38 -3.75 -8.05
CA ARG A 107 18.41 -3.98 -9.50
C ARG A 107 18.30 -2.67 -10.25
N VAL A 108 17.43 -1.79 -9.75
CA VAL A 108 17.01 -0.59 -10.47
C VAL A 108 18.03 0.53 -10.42
N VAL A 109 18.67 0.62 -9.28
CA VAL A 109 19.73 1.54 -9.05
C VAL A 109 20.83 1.20 -10.01
N ARG A 110 21.18 -0.10 -10.05
CA ARG A 110 22.31 -0.54 -10.84
C ARG A 110 21.97 -0.35 -12.29
N ALA A 111 20.74 -0.70 -12.64
CA ALA A 111 20.30 -0.66 -14.02
C ALA A 111 20.18 0.79 -14.50
N SER A 112 20.29 1.74 -13.57
CA SER A 112 20.30 3.16 -13.89
C SER A 112 21.73 3.57 -14.31
N GLY A 113 22.70 2.73 -13.97
CA GLY A 113 24.11 3.00 -14.28
C GLY A 113 24.87 3.58 -13.11
N PHE A 114 24.28 3.52 -11.92
CA PHE A 114 24.96 4.02 -10.72
C PHE A 114 26.13 3.12 -10.41
N THR A 115 27.26 3.50 -10.95
CA THR A 115 28.45 2.74 -10.82
C THR A 115 29.06 2.89 -9.40
N GLY A 116 28.34 3.54 -8.47
CA GLY A 116 28.88 3.91 -7.12
C GLY A 116 28.69 2.92 -5.96
N GLN A 117 28.92 3.40 -4.72
CA GLN A 117 28.71 2.57 -3.51
C GLN A 117 27.22 2.41 -3.21
N LEU A 118 26.82 1.15 -2.94
CA LEU A 118 25.42 0.74 -2.75
C LEU A 118 25.34 -0.29 -1.68
N VAL A 119 24.54 0.03 -0.67
CA VAL A 119 24.58 -0.68 0.60
C VAL A 119 23.20 -0.96 1.06
N ARG A 120 22.98 -2.10 1.69
CA ARG A 120 21.68 -2.42 2.27
C ARG A 120 21.67 -1.92 3.67
N VAL A 121 20.60 -1.20 4.05
CA VAL A 121 20.48 -0.69 5.42
C VAL A 121 19.48 -1.44 6.26
N ARG A 122 19.22 -2.69 5.91
CA ARG A 122 18.66 -3.65 6.88
C ARG A 122 19.31 -5.00 6.64
N LEU A 123 19.27 -5.85 7.66
CA LEU A 123 19.59 -7.24 7.45
C LEU A 123 18.70 -7.84 6.35
N ALA A 124 19.31 -8.68 5.53
CA ALA A 124 18.59 -9.46 4.54
C ALA A 124 18.33 -10.88 5.06
N SER A 125 17.47 -11.61 4.36
CA SER A 125 17.43 -13.06 4.46
C SER A 125 18.45 -13.66 3.48
N LEU A 126 18.86 -14.90 3.73
CA LEU A 126 19.99 -15.52 3.04
C LEU A 126 19.78 -15.72 1.54
N SER A 127 18.68 -16.37 1.20
CA SER A 127 18.30 -16.57 -0.19
C SER A 127 18.32 -15.22 -0.91
N GLU A 128 17.64 -14.25 -0.31
CA GLU A 128 17.59 -12.89 -0.80
C GLU A 128 19.00 -12.37 -1.09
N LEU A 129 19.84 -12.43 -0.06
CA LEU A 129 21.21 -11.92 -0.14
C LEU A 129 21.97 -12.57 -1.30
N GLU A 130 21.69 -13.84 -1.55
CA GLU A 130 22.38 -14.59 -2.57
C GLU A 130 22.06 -14.01 -3.94
N ASP A 131 20.77 -13.88 -4.20
CA ASP A 131 20.31 -13.26 -5.42
C ASP A 131 20.97 -11.92 -5.61
N ALA A 132 20.90 -11.09 -4.56
CA ALA A 132 21.54 -9.77 -4.54
C ALA A 132 22.99 -9.78 -5.05
N LEU A 133 23.71 -10.89 -4.89
CA LEU A 133 25.15 -10.90 -5.19
C LEU A 133 25.48 -10.25 -6.50
N GLN A 134 24.71 -10.63 -7.53
CA GLN A 134 24.86 -10.09 -8.91
C GLN A 134 24.87 -8.54 -9.02
N TYR A 135 24.31 -7.87 -8.01
CA TYR A 135 24.17 -6.43 -8.05
C TYR A 135 25.31 -5.75 -7.37
N ASP A 136 26.20 -6.54 -6.78
CA ASP A 136 27.42 -5.97 -6.20
C ASP A 136 27.15 -4.98 -5.09
N MET A 137 26.18 -5.33 -4.25
CA MET A 137 25.77 -4.49 -3.13
C MET A 137 26.55 -4.93 -1.90
N GLU A 138 26.86 -3.95 -1.03
CA GLU A 138 27.45 -4.24 0.29
C GLU A 138 26.35 -4.54 1.32
N GLU A 139 26.54 -5.60 2.10
CA GLU A 139 25.45 -6.15 2.91
C GLU A 139 25.70 -5.96 4.38
N LEU A 140 24.63 -5.64 5.10
CA LEU A 140 24.68 -5.35 6.51
C LEU A 140 24.65 -6.65 7.26
N VAL A 141 25.47 -6.74 8.33
CA VAL A 141 25.64 -7.96 9.17
C VAL A 141 25.59 -7.60 10.67
N GLY A 142 24.82 -8.32 11.48
CA GLY A 142 24.76 -8.00 12.91
C GLY A 142 24.91 -9.13 13.95
N SER A 143 25.57 -10.22 13.55
CA SER A 143 25.59 -11.44 14.34
C SER A 143 26.55 -12.40 13.69
N ALA A 144 27.23 -13.17 14.53
CA ALA A 144 28.22 -14.12 14.09
C ALA A 144 27.57 -15.31 13.37
N GLU A 145 26.43 -15.80 13.86
CA GLU A 145 25.78 -16.87 13.13
C GLU A 145 25.38 -16.38 11.77
N PHE A 146 24.76 -15.19 11.73
CA PHE A 146 24.42 -14.56 10.45
C PHE A 146 25.63 -14.45 9.52
N ALA A 147 26.66 -13.78 10.03
CA ALA A 147 27.97 -13.67 9.37
C ALA A 147 28.45 -14.97 8.77
N ARG A 148 28.45 -16.01 9.60
CA ARG A 148 28.91 -17.32 9.20
C ARG A 148 28.21 -17.85 7.95
N GLN A 149 26.88 -17.84 7.95
CA GLN A 149 26.15 -18.37 6.83
C GLN A 149 26.51 -17.55 5.60
N VAL A 150 26.30 -16.25 5.72
CA VAL A 150 26.53 -15.34 4.62
C VAL A 150 27.91 -15.56 4.02
N ASP A 151 28.86 -15.93 4.86
CA ASP A 151 30.20 -16.17 4.38
C ASP A 151 30.21 -17.36 3.43
N ALA A 152 29.58 -18.46 3.84
CA ALA A 152 29.56 -19.68 3.02
C ALA A 152 28.90 -19.44 1.65
N ILE A 153 28.03 -18.43 1.59
CA ILE A 153 27.33 -18.05 0.37
C ILE A 153 28.26 -17.31 -0.54
N ALA A 154 29.12 -16.47 0.01
CA ALA A 154 30.09 -15.78 -0.84
C ALA A 154 31.12 -16.80 -1.39
N ALA A 155 31.72 -17.58 -0.48
CA ALA A 155 32.62 -18.65 -0.88
C ALA A 155 31.99 -19.42 -2.02
N ARG A 156 30.72 -19.74 -1.87
CA ARG A 156 30.04 -20.59 -2.84
C ARG A 156 30.10 -20.04 -4.25
N HIS A 157 30.10 -18.72 -4.39
CA HIS A 157 30.00 -18.08 -5.71
C HIS A 157 31.35 -17.60 -6.26
N GLY A 158 32.42 -17.87 -5.52
CA GLY A 158 33.74 -17.38 -5.86
C GLY A 158 33.91 -15.91 -5.53
N LYS A 159 32.81 -15.24 -5.21
CA LYS A 159 32.80 -13.79 -4.96
C LYS A 159 33.37 -13.38 -3.57
N THR A 160 33.85 -12.14 -3.46
CA THR A 160 34.08 -11.55 -2.13
C THR A 160 33.07 -10.46 -1.78
N LEU A 161 32.32 -10.69 -0.70
CA LEU A 161 31.22 -9.83 -0.32
C LEU A 161 31.62 -8.81 0.76
N ARG A 162 31.38 -7.54 0.46
CA ARG A 162 31.71 -6.45 1.37
C ARG A 162 30.57 -6.27 2.37
N ILE A 163 30.89 -5.98 3.63
CA ILE A 163 29.84 -5.95 4.68
C ILE A 163 29.92 -4.75 5.62
N HIS A 164 28.78 -4.15 5.92
CA HIS A 164 28.74 -3.19 7.01
C HIS A 164 28.38 -3.92 8.29
N MET A 165 29.19 -3.77 9.31
CA MET A 165 28.80 -4.36 10.56
C MET A 165 27.92 -3.42 11.34
N ALA A 166 26.71 -3.87 11.66
CA ALA A 166 25.74 -3.06 12.40
C ALA A 166 26.04 -3.19 13.86
N LEU A 167 26.07 -2.08 14.58
CA LEU A 167 26.33 -2.14 16.02
C LEU A 167 25.14 -1.54 16.78
N ASN A 168 24.69 -2.23 17.81
CA ASN A 168 23.54 -1.78 18.52
C ASN A 168 23.85 -0.61 19.44
N SER A 169 24.85 0.20 19.07
CA SER A 169 25.28 1.33 19.90
C SER A 169 24.17 2.21 20.46
N SER A 170 23.24 2.64 19.63
CA SER A 170 22.17 3.55 20.08
C SER A 170 20.98 2.88 20.82
N GLY A 171 20.95 1.55 20.86
CA GLY A 171 19.92 0.81 21.56
C GLY A 171 18.72 0.28 20.77
N MET A 172 18.75 0.38 19.44
CA MET A 172 17.67 -0.18 18.57
C MET A 172 17.28 -1.66 18.81
N SER A 173 18.26 -2.48 19.18
CA SER A 173 18.05 -3.91 19.32
C SER A 173 17.37 -4.41 18.07
N ARG A 174 18.00 -4.17 16.92
CA ARG A 174 17.39 -4.44 15.66
C ARG A 174 18.34 -5.16 14.72
N ASN A 175 19.30 -4.45 14.17
CA ASN A 175 20.15 -5.02 13.13
C ASN A 175 21.52 -5.46 13.63
N GLY A 176 21.98 -4.82 14.71
CA GLY A 176 23.37 -4.85 15.08
C GLY A 176 23.65 -5.52 16.41
N VAL A 177 24.90 -5.96 16.55
CA VAL A 177 25.38 -6.68 17.73
C VAL A 177 25.46 -5.74 18.87
N GLU A 178 25.09 -6.23 20.06
CA GLU A 178 25.14 -5.44 21.28
C GLU A 178 26.55 -5.46 21.84
N MET A 179 27.31 -4.41 21.50
CA MET A 179 28.71 -4.32 21.87
C MET A 179 28.84 -3.88 23.28
N ALA A 180 27.70 -3.80 23.97
CA ALA A 180 27.65 -3.41 25.39
C ALA A 180 28.21 -4.49 26.27
N THR A 181 27.70 -5.70 26.12
CA THR A 181 28.22 -6.87 26.82
C THR A 181 29.43 -7.54 26.15
N TRP A 182 30.16 -8.33 26.95
CA TRP A 182 31.36 -9.01 26.48
C TRP A 182 31.07 -10.03 25.39
N SER A 183 29.93 -10.70 25.51
CA SER A 183 29.42 -11.57 24.46
C SER A 183 29.44 -10.91 23.06
N GLY A 184 28.85 -9.71 22.99
CA GLY A 184 28.81 -8.96 21.74
C GLY A 184 30.18 -8.68 21.23
N ARG A 185 31.03 -8.14 22.08
CA ARG A 185 32.39 -7.88 21.71
C ARG A 185 33.06 -9.11 21.07
N GLY A 186 32.78 -10.29 21.59
CA GLY A 186 33.29 -11.55 21.01
C GLY A 186 32.65 -11.85 19.67
N GLU A 187 31.31 -11.90 19.66
CA GLU A 187 30.56 -11.98 18.41
C GLU A 187 31.14 -11.02 17.36
N ALA A 188 31.50 -9.82 17.80
CA ALA A 188 32.01 -8.82 16.89
C ALA A 188 33.32 -9.31 16.21
N LEU A 189 34.19 -9.88 17.02
CA LEU A 189 35.45 -10.37 16.56
C LEU A 189 35.24 -11.35 15.42
N GLN A 190 34.46 -12.38 15.67
CA GLN A 190 34.33 -13.45 14.72
C GLN A 190 33.67 -12.98 13.47
N ILE A 191 33.01 -11.84 13.52
CA ILE A 191 32.41 -11.30 12.32
C ILE A 191 33.53 -10.97 11.32
N THR A 192 34.70 -10.69 11.87
CA THR A 192 35.83 -10.22 11.07
C THR A 192 36.77 -11.37 10.72
N ASP A 193 36.64 -12.48 11.44
CA ASP A 193 37.39 -13.69 11.14
C ASP A 193 37.01 -14.33 9.79
N GLN A 194 35.83 -13.94 9.30
CA GLN A 194 35.26 -14.37 8.01
C GLN A 194 36.17 -14.18 6.80
N LYS A 195 36.57 -15.27 6.16
CA LYS A 195 37.59 -15.17 5.08
C LYS A 195 37.04 -14.83 3.67
N HIS A 196 35.72 -14.85 3.53
CA HIS A 196 35.11 -14.52 2.26
C HIS A 196 34.29 -13.23 2.30
N LEU A 197 34.30 -12.56 3.46
CA LEU A 197 33.69 -11.26 3.63
C LEU A 197 34.77 -10.22 3.85
N LYS A 198 34.71 -9.13 3.11
CA LYS A 198 35.57 -7.99 3.37
C LYS A 198 34.85 -6.93 4.24
N LEU A 199 35.44 -6.59 5.38
CA LEU A 199 34.83 -5.59 6.25
C LEU A 199 35.16 -4.17 5.75
N VAL A 200 34.15 -3.30 5.70
CA VAL A 200 34.33 -1.99 5.09
C VAL A 200 33.54 -0.89 5.78
N ALA A 201 32.73 -1.25 6.79
CA ALA A 201 32.11 -0.23 7.66
C ALA A 201 31.65 -0.77 8.97
N LEU A 202 31.51 0.13 9.92
CA LEU A 202 30.72 -0.12 11.14
C LEU A 202 29.66 0.97 11.26
N MET A 203 28.52 0.65 11.84
CA MET A 203 27.42 1.60 11.86
C MET A 203 26.43 1.33 12.96
N THR A 204 25.76 2.38 13.38
CA THR A 204 24.59 2.20 14.21
C THR A 204 23.49 3.11 13.67
N HIS A 205 22.29 3.00 14.20
CA HIS A 205 21.28 3.91 13.78
C HIS A 205 20.60 4.49 15.03
N PHE A 206 20.50 5.81 15.08
CA PHE A 206 19.99 6.48 16.28
C PHE A 206 18.53 6.19 16.49
N ALA A 207 18.15 5.99 17.75
CA ALA A 207 16.84 5.44 18.09
C ALA A 207 15.80 6.48 18.53
N VAL A 208 16.22 7.51 19.27
CA VAL A 208 15.30 8.59 19.60
C VAL A 208 15.74 9.82 18.83
N GLU A 209 14.75 10.59 18.34
CA GLU A 209 15.01 11.86 17.68
C GLU A 209 15.09 12.98 18.71
N ASP A 210 15.98 12.78 19.69
CA ASP A 210 16.32 13.78 20.70
C ASP A 210 17.81 14.09 20.66
N LYS A 211 18.17 15.36 20.81
CA LYS A 211 19.59 15.76 20.77
C LYS A 211 20.44 14.97 21.80
N ASP A 212 20.00 14.97 23.06
CA ASP A 212 20.77 14.39 24.17
C ASP A 212 20.93 12.91 23.97
N ASP A 213 19.84 12.25 23.61
CA ASP A 213 19.81 10.82 23.44
C ASP A 213 20.69 10.39 22.24
N VAL A 214 20.60 11.12 21.12
CA VAL A 214 21.52 10.87 19.99
C VAL A 214 22.95 11.01 20.47
N ARG A 215 23.14 11.95 21.39
CA ARG A 215 24.47 12.30 21.87
C ARG A 215 25.12 11.18 22.67
N LYS A 216 24.33 10.50 23.51
CA LYS A 216 24.77 9.25 24.15
C LYS A 216 25.08 8.17 23.11
N GLY A 217 24.08 7.85 22.29
CA GLY A 217 24.29 6.91 21.21
C GLY A 217 25.65 7.10 20.58
N LEU A 218 25.93 8.33 20.20
CA LEU A 218 27.19 8.66 19.52
C LEU A 218 28.43 8.31 20.37
N ALA A 219 28.42 8.74 21.63
CA ALA A 219 29.53 8.49 22.55
C ALA A 219 29.78 6.97 22.66
N ALA A 220 28.69 6.21 22.68
CA ALA A 220 28.78 4.79 22.66
C ALA A 220 29.37 4.34 21.33
N PHE A 221 28.73 4.64 20.19
CA PHE A 221 29.26 4.21 18.88
C PHE A 221 30.75 4.46 18.76
N ASN A 222 31.19 5.55 19.37
CA ASN A 222 32.59 5.91 19.34
C ASN A 222 33.49 4.95 20.10
N GLU A 223 33.23 4.74 21.39
CA GLU A 223 34.09 3.80 22.16
C GLU A 223 34.10 2.43 21.49
N GLN A 224 32.95 2.03 20.97
CA GLN A 224 32.78 0.68 20.47
C GLN A 224 33.49 0.51 19.16
N THR A 225 33.35 1.46 18.25
CA THR A 225 34.23 1.46 17.10
C THR A 225 35.71 1.42 17.56
N ASP A 226 36.20 2.48 18.19
CA ASP A 226 37.54 2.50 18.78
C ASP A 226 37.94 1.14 19.30
N TRP A 227 37.11 0.58 20.18
CA TRP A 227 37.43 -0.71 20.81
C TRP A 227 37.64 -1.82 19.79
N LEU A 228 36.71 -1.94 18.87
CA LEU A 228 36.72 -3.04 17.98
C LEU A 228 37.87 -2.85 17.00
N ILE A 229 38.12 -1.60 16.58
CA ILE A 229 39.18 -1.32 15.62
C ILE A 229 40.50 -1.71 16.22
N LYS A 230 40.74 -1.18 17.42
CA LYS A 230 41.96 -1.45 18.16
C LYS A 230 42.19 -2.96 18.32
N HIS A 231 41.18 -3.63 18.86
CA HIS A 231 41.34 -4.96 19.41
C HIS A 231 41.13 -6.08 18.40
N ALA A 232 40.58 -5.76 17.24
CA ALA A 232 40.53 -6.73 16.16
C ALA A 232 41.56 -6.38 15.11
N LYS A 233 42.47 -5.47 15.46
CA LYS A 233 43.67 -5.16 14.67
C LYS A 233 43.29 -5.05 13.23
N LEU A 234 42.20 -4.32 12.98
CA LEU A 234 41.81 -3.86 11.64
C LEU A 234 42.04 -2.38 11.68
N ASP A 235 42.04 -1.71 10.51
CA ASP A 235 42.44 -0.29 10.52
C ASP A 235 41.44 0.75 9.97
N ARG A 236 41.30 1.86 10.71
CA ARG A 236 40.49 3.02 10.30
C ARG A 236 40.45 3.24 8.80
N SER A 237 41.64 3.37 8.21
CA SER A 237 41.80 3.75 6.81
C SER A 237 40.88 3.02 5.82
N LYS A 238 40.49 1.81 6.14
CA LYS A 238 39.78 1.02 5.18
C LYS A 238 38.33 0.77 5.54
N LEU A 239 37.81 1.57 6.47
CA LEU A 239 36.42 1.53 6.89
C LEU A 239 35.77 2.89 6.74
N THR A 240 34.46 2.93 6.50
CA THR A 240 33.67 4.16 6.75
C THR A 240 32.70 3.98 7.89
N LEU A 241 32.79 4.88 8.85
CA LEU A 241 31.97 4.78 10.05
C LEU A 241 30.77 5.68 9.87
N HIS A 242 29.55 5.13 9.92
CA HIS A 242 28.39 5.93 9.57
C HIS A 242 27.15 5.76 10.45
N ALA A 243 26.90 6.72 11.35
CA ALA A 243 25.74 6.66 12.26
C ALA A 243 24.56 7.60 11.96
N ALA A 244 24.81 8.75 11.34
CA ALA A 244 23.78 9.82 11.25
C ALA A 244 22.66 9.60 10.25
N ASN A 245 21.43 9.56 10.77
CA ASN A 245 20.23 9.70 9.94
C ASN A 245 19.96 11.17 9.63
N SER A 246 18.79 11.48 9.05
CA SER A 246 18.37 12.89 8.84
C SER A 246 18.51 13.66 10.14
N PHE A 247 17.58 13.43 11.08
CA PHE A 247 17.52 14.24 12.31
C PHE A 247 18.90 14.41 12.96
N ALA A 248 19.62 13.30 13.08
CA ALA A 248 21.01 13.29 13.54
C ALA A 248 21.93 14.25 12.76
N THR A 249 21.97 14.14 11.43
CA THR A 249 22.81 15.01 10.63
C THR A 249 22.49 16.47 10.91
N LEU A 250 21.23 16.84 10.75
CA LEU A 250 20.84 18.24 10.84
C LEU A 250 20.93 18.84 12.24
N GLU A 251 20.77 18.01 13.27
CA GLU A 251 20.73 18.54 14.61
C GLU A 251 22.00 18.28 15.45
N VAL A 252 22.57 17.08 15.35
CA VAL A 252 23.81 16.76 16.09
C VAL A 252 25.04 16.58 15.16
N PRO A 253 25.45 17.65 14.46
CA PRO A 253 26.43 17.52 13.39
C PRO A 253 27.70 16.77 13.76
N GLU A 254 28.14 16.86 15.03
CA GLU A 254 29.35 16.11 15.45
C GLU A 254 29.21 14.63 15.12
N ALA A 255 27.95 14.19 15.10
CA ALA A 255 27.55 12.83 14.80
C ALA A 255 27.65 12.47 13.33
N ARG A 256 28.15 13.40 12.52
CA ARG A 256 28.32 13.13 11.09
C ARG A 256 29.36 12.05 10.75
N LEU A 257 30.58 12.19 11.28
CA LEU A 257 31.67 11.25 11.00
C LEU A 257 31.83 11.06 9.49
N ASP A 258 32.12 9.85 9.08
CA ASP A 258 32.57 9.60 7.73
C ASP A 258 31.54 9.84 6.64
N MET A 259 30.29 9.47 6.91
CA MET A 259 29.21 9.51 5.92
C MET A 259 27.84 9.58 6.61
N VAL A 260 26.86 10.19 5.94
CA VAL A 260 25.50 10.14 6.48
C VAL A 260 24.51 9.46 5.52
N ARG A 261 23.52 8.81 6.09
CA ARG A 261 22.50 8.27 5.26
C ARG A 261 21.22 9.04 5.57
N THR A 262 20.62 9.60 4.53
CA THR A 262 19.51 10.53 4.71
C THR A 262 18.38 10.20 3.75
N GLY A 263 17.27 9.76 4.35
CA GLY A 263 16.05 9.60 3.63
C GLY A 263 15.29 10.87 3.76
N GLY A 264 14.45 10.94 4.78
CA GLY A 264 13.44 11.98 4.94
C GLY A 264 13.81 13.35 4.43
N ALA A 265 14.94 13.86 4.89
CA ALA A 265 15.35 15.22 4.55
C ALA A 265 15.39 15.41 3.05
N LEU A 266 15.97 14.42 2.35
CA LEU A 266 15.91 14.38 0.89
C LEU A 266 14.54 14.76 0.41
N PHE A 267 13.53 14.12 0.94
CA PHE A 267 12.17 14.34 0.50
C PHE A 267 11.38 15.42 1.32
N GLY A 268 12.04 16.07 2.26
CA GLY A 268 11.44 17.23 2.87
C GLY A 268 10.41 16.94 3.95
N ASP A 269 10.46 15.75 4.50
CA ASP A 269 9.88 15.51 5.79
C ASP A 269 11.02 15.10 6.68
N THR A 270 11.44 16.04 7.51
CA THR A 270 12.42 15.82 8.54
C THR A 270 12.02 16.88 9.54
N VAL A 271 12.81 17.08 10.58
CA VAL A 271 12.59 18.17 11.57
C VAL A 271 11.69 19.24 10.99
N PRO A 272 10.44 19.34 11.50
CA PRO A 272 9.49 20.33 10.98
C PRO A 272 10.07 21.75 10.91
N ALA A 273 10.93 22.10 11.86
CA ALA A 273 11.49 23.46 11.90
C ALA A 273 12.41 23.81 10.70
N ARG A 274 13.24 22.86 10.26
CA ARG A 274 14.14 23.12 9.12
C ARG A 274 13.30 23.19 7.88
N THR A 275 12.82 24.38 7.58
CA THR A 275 11.86 24.53 6.49
C THR A 275 12.53 24.75 5.16
N GLU A 276 13.86 24.66 5.14
CA GLU A 276 14.57 24.78 3.87
C GLU A 276 14.56 23.44 3.16
N TYR A 277 13.95 22.45 3.81
CA TYR A 277 13.82 21.14 3.23
C TYR A 277 12.42 20.98 2.66
N GLN A 278 12.36 21.03 1.32
CA GLN A 278 11.12 21.16 0.53
C GLN A 278 10.41 19.84 0.31
N ARG A 279 9.09 19.80 0.56
CA ARG A 279 8.29 18.59 0.31
C ARG A 279 8.38 18.15 -1.14
N ALA A 280 8.65 16.87 -1.35
CA ALA A 280 8.86 16.36 -2.68
C ALA A 280 7.60 15.66 -3.23
N MET A 281 6.66 15.32 -2.34
CA MET A 281 5.53 14.44 -2.70
C MET A 281 4.17 15.03 -2.40
N GLN A 282 3.35 15.21 -3.43
CA GLN A 282 1.97 15.60 -3.20
C GLN A 282 1.07 14.44 -3.62
N PHE A 283 0.01 14.18 -2.83
CA PHE A 283 -0.91 13.06 -3.12
C PHE A 283 -2.25 13.65 -3.55
N LYS A 284 -2.80 13.12 -4.65
CA LYS A 284 -3.90 13.78 -5.40
C LYS A 284 -4.87 12.75 -5.98
N SER A 285 -6.14 13.15 -6.16
CA SER A 285 -7.15 12.39 -6.94
C SER A 285 -7.96 13.36 -7.82
N HIS A 286 -9.00 12.87 -8.52
CA HIS A 286 -9.95 13.70 -9.32
C HIS A 286 -11.32 13.69 -8.62
N VAL A 287 -12.16 14.69 -8.92
CA VAL A 287 -13.59 14.60 -8.64
C VAL A 287 -14.34 13.90 -9.79
N ALA A 288 -15.03 12.81 -9.48
CA ALA A 288 -15.71 12.04 -10.51
C ALA A 288 -16.85 12.83 -11.03
N ALA A 289 -17.61 13.42 -10.09
CA ALA A 289 -18.93 14.02 -10.32
C ALA A 289 -19.49 14.47 -8.99
N VAL A 290 -20.45 15.40 -9.01
CA VAL A 290 -21.07 15.87 -7.78
C VAL A 290 -22.58 15.65 -7.81
N HIS A 291 -23.08 14.98 -6.75
CA HIS A 291 -24.49 14.57 -6.60
C HIS A 291 -25.22 15.37 -5.53
N SER A 292 -26.54 15.45 -5.65
CA SER A 292 -27.37 16.03 -4.58
C SER A 292 -28.03 14.98 -3.72
N TYR A 293 -28.08 15.24 -2.42
CA TYR A 293 -28.80 14.38 -1.47
C TYR A 293 -29.58 15.18 -0.45
N PRO A 294 -30.69 14.60 -0.01
CA PRO A 294 -31.65 15.14 0.95
C PRO A 294 -31.20 15.14 2.40
N ALA A 295 -31.61 16.17 3.12
CA ALA A 295 -31.73 16.11 4.56
C ALA A 295 -32.14 14.68 5.00
N GLY A 296 -31.37 14.11 5.92
CA GLY A 296 -31.72 12.85 6.52
C GLY A 296 -31.20 11.61 5.79
N ASN A 297 -30.40 11.80 4.74
CA ASN A 297 -29.71 10.64 4.14
C ASN A 297 -28.53 10.24 5.01
N THR A 298 -28.09 9.00 4.89
CA THR A 298 -26.79 8.64 5.47
C THR A 298 -25.79 8.33 4.37
N VAL A 299 -24.52 8.30 4.74
CA VAL A 299 -23.45 8.26 3.77
C VAL A 299 -22.47 7.11 4.00
N GLY A 300 -22.27 6.33 2.93
CA GLY A 300 -21.39 5.19 2.96
C GLY A 300 -21.86 4.09 3.91
N TYR A 301 -21.10 2.99 3.92
CA TYR A 301 -21.41 1.83 4.74
C TYR A 301 -21.81 2.21 6.16
N ASP A 302 -22.73 1.40 6.71
CA ASP A 302 -23.13 1.41 8.12
C ASP A 302 -23.70 2.74 8.60
N ARG A 303 -24.15 3.54 7.64
CA ARG A 303 -24.86 4.77 7.91
C ARG A 303 -24.20 5.60 9.02
N THR A 304 -22.91 5.89 8.85
CA THR A 304 -22.15 6.62 9.87
C THR A 304 -22.55 8.08 9.93
N PHE A 305 -22.38 8.80 8.82
CA PHE A 305 -22.78 10.21 8.78
C PHE A 305 -24.24 10.39 8.47
N THR A 306 -24.90 11.23 9.26
CA THR A 306 -26.25 11.70 8.93
C THR A 306 -26.19 13.10 8.35
N LEU A 307 -26.78 13.27 7.16
CA LEU A 307 -26.81 14.57 6.48
C LEU A 307 -27.63 15.59 7.24
N ALA A 308 -26.94 16.60 7.80
CA ALA A 308 -27.53 17.54 8.78
C ALA A 308 -28.55 18.45 8.10
N ARG A 309 -28.14 19.03 6.97
CA ARG A 309 -29.01 19.81 6.15
C ARG A 309 -29.41 19.00 4.92
N ASP A 310 -29.27 19.69 3.78
CA ASP A 310 -29.72 19.25 2.46
C ASP A 310 -28.53 19.50 1.56
N SER A 311 -27.94 18.43 1.02
CA SER A 311 -26.51 18.48 0.65
C SER A 311 -26.08 18.23 -0.82
N ARG A 312 -24.86 18.68 -1.14
CA ARG A 312 -24.13 18.26 -2.36
C ARG A 312 -22.84 17.50 -1.96
N LEU A 313 -22.59 16.37 -2.60
CA LEU A 313 -21.46 15.58 -2.19
C LEU A 313 -20.52 15.35 -3.38
N ALA A 314 -19.22 15.22 -3.12
CA ALA A 314 -18.31 14.89 -4.21
C ALA A 314 -17.90 13.43 -4.20
N ASN A 315 -18.18 12.73 -5.29
CA ASN A 315 -17.59 11.42 -5.52
C ASN A 315 -16.16 11.64 -6.02
N ILE A 316 -15.20 11.36 -5.14
CA ILE A 316 -13.80 11.42 -5.47
C ILE A 316 -13.25 10.02 -5.71
N THR A 317 -12.60 9.84 -6.84
CA THR A 317 -12.18 8.53 -7.29
C THR A 317 -10.94 8.04 -6.54
N VAL A 318 -11.04 7.91 -5.20
CA VAL A 318 -9.95 7.38 -4.35
C VAL A 318 -10.52 6.59 -3.15
N GLY A 319 -9.81 5.58 -2.68
CA GLY A 319 -10.31 4.79 -1.53
C GLY A 319 -9.26 4.34 -0.53
N TYR A 320 -9.50 3.24 0.17
CA TYR A 320 -8.42 2.66 0.91
C TYR A 320 -7.61 1.71 0.05
N SER A 321 -8.26 1.03 -0.87
CA SER A 321 -7.53 0.31 -1.90
C SER A 321 -6.43 1.21 -2.49
N ASP A 322 -6.76 2.48 -2.73
CA ASP A 322 -5.83 3.44 -3.32
C ASP A 322 -4.74 3.99 -2.38
N GLY A 323 -4.86 3.66 -1.09
CA GLY A 323 -3.92 4.15 -0.09
C GLY A 323 -4.62 5.00 0.96
N TYR A 324 -5.54 5.86 0.52
CA TYR A 324 -6.24 6.78 1.44
C TYR A 324 -7.01 5.99 2.42
N ARG A 325 -6.42 5.81 3.59
CA ARG A 325 -6.81 4.76 4.54
C ARG A 325 -8.18 4.93 5.19
N ARG A 326 -8.76 3.82 5.62
CA ARG A 326 -10.04 3.80 6.37
C ARG A 326 -10.12 4.74 7.58
N VAL A 327 -9.00 4.93 8.26
CA VAL A 327 -8.97 5.73 9.47
C VAL A 327 -9.44 7.21 9.24
N PHE A 328 -9.37 7.68 8.01
CA PHE A 328 -9.83 9.03 7.64
C PHE A 328 -11.34 9.17 7.63
N THR A 329 -12.02 8.05 7.85
CA THR A 329 -13.44 8.03 8.07
C THR A 329 -13.93 9.11 9.07
N ASN A 330 -14.85 9.96 8.58
CA ASN A 330 -15.41 11.13 9.30
C ASN A 330 -14.42 11.97 10.07
N LYS A 331 -13.16 11.95 9.63
CA LYS A 331 -12.15 12.75 10.30
C LYS A 331 -11.39 13.62 9.33
N GLY A 332 -11.03 13.09 8.17
CA GLY A 332 -10.04 13.74 7.28
C GLY A 332 -10.61 14.84 6.42
N HIS A 333 -9.72 15.59 5.77
CA HIS A 333 -10.12 16.66 4.82
C HIS A 333 -9.24 16.68 3.58
N VAL A 334 -9.83 17.15 2.47
CA VAL A 334 -9.10 17.30 1.21
C VAL A 334 -9.14 18.74 0.81
N LEU A 335 -8.48 19.10 -0.29
CA LEU A 335 -8.60 20.45 -0.85
C LEU A 335 -9.05 20.39 -2.26
N ILE A 336 -10.08 21.18 -2.58
CA ILE A 336 -10.54 21.34 -3.96
C ILE A 336 -10.79 22.81 -4.24
N ASN A 337 -10.21 23.30 -5.32
CA ASN A 337 -10.29 24.72 -5.66
C ASN A 337 -9.78 25.65 -4.54
N GLY A 338 -8.89 25.14 -3.71
CA GLY A 338 -8.42 25.85 -2.53
C GLY A 338 -9.26 25.61 -1.28
N HIS A 339 -10.31 24.80 -1.42
CA HIS A 339 -11.28 24.64 -0.36
C HIS A 339 -11.07 23.42 0.54
N ARG A 340 -10.92 23.70 1.84
CA ARG A 340 -10.84 22.70 2.88
C ARG A 340 -12.21 22.07 3.07
N ILE A 341 -12.30 20.78 2.78
CA ILE A 341 -13.58 20.08 2.61
C ILE A 341 -13.59 18.73 3.33
N PRO A 342 -14.58 18.54 4.25
CA PRO A 342 -14.69 17.36 5.15
C PRO A 342 -14.96 16.00 4.48
N VAL A 343 -14.24 14.99 4.92
CA VAL A 343 -14.48 13.64 4.46
C VAL A 343 -15.71 13.19 5.22
N VAL A 344 -16.65 12.52 4.55
CA VAL A 344 -17.92 12.15 5.20
C VAL A 344 -18.30 10.69 4.99
N GLY A 345 -18.72 10.04 6.07
CA GLY A 345 -19.00 8.61 6.05
C GLY A 345 -17.75 7.72 6.02
N LYS A 346 -17.96 6.42 6.02
CA LYS A 346 -16.84 5.49 5.83
C LYS A 346 -16.14 5.78 4.49
N VAL A 347 -14.84 5.50 4.42
CA VAL A 347 -14.12 5.58 3.15
C VAL A 347 -14.28 4.28 2.39
N SER A 348 -15.07 4.28 1.32
CA SER A 348 -15.24 3.05 0.55
C SER A 348 -13.88 2.57 0.04
N MET A 349 -13.87 1.40 -0.59
CA MET A 349 -12.61 0.81 -1.06
C MET A 349 -11.94 1.61 -2.15
N ASN A 350 -12.73 2.13 -3.11
CA ASN A 350 -12.18 2.91 -4.25
C ASN A 350 -12.70 4.32 -4.41
N THR A 351 -13.72 4.69 -3.62
CA THR A 351 -14.43 5.97 -3.77
C THR A 351 -14.51 6.70 -2.46
N LEU A 352 -14.05 7.96 -2.45
CA LEU A 352 -14.15 8.83 -1.29
C LEU A 352 -15.32 9.79 -1.42
N MET A 353 -16.09 9.95 -0.33
CA MET A 353 -17.22 10.92 -0.28
C MET A 353 -16.89 12.17 0.53
N VAL A 354 -17.04 13.33 -0.08
CA VAL A 354 -16.67 14.59 0.58
C VAL A 354 -17.78 15.61 0.38
N ASP A 355 -18.10 16.37 1.45
CA ASP A 355 -19.22 17.36 1.47
C ASP A 355 -18.76 18.64 0.80
N VAL A 356 -19.36 18.98 -0.34
CA VAL A 356 -19.05 20.27 -0.99
C VAL A 356 -20.27 21.21 -0.89
N THR A 357 -21.23 20.77 -0.09
CA THR A 357 -22.48 21.50 0.23
C THR A 357 -22.31 23.00 0.62
N ASP A 358 -21.06 23.44 0.80
CA ASP A 358 -20.76 24.81 1.17
C ASP A 358 -20.03 25.48 0.05
N PHE A 359 -19.78 24.74 -1.02
CA PHE A 359 -18.82 25.18 -2.04
C PHE A 359 -19.33 24.98 -3.47
N PRO A 360 -20.34 25.78 -3.88
CA PRO A 360 -21.03 25.61 -5.17
C PRO A 360 -20.07 25.52 -6.38
N ASP A 361 -18.81 25.92 -6.17
CA ASP A 361 -17.87 26.10 -7.24
C ASP A 361 -17.02 24.85 -7.57
N VAL A 362 -17.13 23.82 -6.71
CA VAL A 362 -16.54 22.49 -6.97
C VAL A 362 -17.31 21.73 -8.07
N LYS A 363 -16.61 21.31 -9.11
CA LYS A 363 -17.31 20.66 -10.18
C LYS A 363 -16.61 19.40 -10.67
N GLY A 364 -17.34 18.62 -11.47
CA GLY A 364 -16.76 17.46 -12.16
C GLY A 364 -15.37 17.68 -12.79
N GLY A 365 -14.48 16.71 -12.60
CA GLY A 365 -13.13 16.75 -13.12
C GLY A 365 -12.17 17.71 -12.41
N ASN A 366 -12.57 18.25 -11.26
CA ASN A 366 -11.67 19.15 -10.53
C ASN A 366 -10.38 18.41 -10.05
N GLU A 367 -9.59 19.04 -9.20
CA GLU A 367 -8.42 18.37 -8.66
C GLU A 367 -8.39 18.33 -7.12
N VAL A 368 -8.45 17.12 -6.59
CA VAL A 368 -8.40 16.91 -5.16
C VAL A 368 -6.98 16.81 -4.68
N VAL A 369 -6.69 17.43 -3.54
CA VAL A 369 -5.41 17.28 -2.92
C VAL A 369 -5.63 16.53 -1.62
N LEU A 370 -5.16 15.28 -1.61
CA LEU A 370 -5.33 14.41 -0.48
C LEU A 370 -4.31 14.76 0.58
N PHE A 371 -3.12 15.16 0.14
CA PHE A 371 -2.11 15.68 1.04
C PHE A 371 -1.21 16.71 0.33
N GLY A 372 -1.08 17.88 0.97
CA GLY A 372 -0.23 18.94 0.44
C GLY A 372 -0.86 20.30 0.44
N LYS A 373 -0.45 21.10 -0.54
CA LYS A 373 -0.86 22.50 -0.65
C LYS A 373 -1.66 22.62 -1.92
N GLN A 374 -2.68 23.45 -1.91
CA GLN A 374 -3.39 23.74 -3.16
C GLN A 374 -3.75 25.23 -3.29
N ALA A 375 -2.91 25.97 -4.01
CA ALA A 375 -3.00 27.44 -4.04
C ALA A 375 -3.99 27.98 -2.95
N GLY A 376 -3.45 28.32 -1.79
CA GLY A 376 -4.26 28.78 -0.68
C GLY A 376 -4.20 27.81 0.47
N GLY A 377 -4.73 26.62 0.26
CA GLY A 377 -4.92 25.65 1.35
C GLY A 377 -3.70 24.78 1.56
N GLU A 378 -3.75 23.97 2.62
CA GLU A 378 -2.74 22.95 2.87
C GLU A 378 -3.31 21.92 3.84
N ILE A 379 -3.14 20.65 3.50
CA ILE A 379 -3.34 19.58 4.46
C ILE A 379 -1.97 19.24 5.07
N THR A 380 -1.87 19.43 6.37
CA THR A 380 -0.58 19.40 7.04
C THR A 380 -0.16 17.95 7.29
N GLN A 381 1.14 17.71 7.25
CA GLN A 381 1.65 16.40 7.63
C GLN A 381 1.29 16.21 9.08
N ALA A 382 1.51 17.27 9.84
CA ALA A 382 1.09 17.34 11.20
C ALA A 382 -0.38 16.79 11.48
N GLU A 383 -1.34 17.22 10.65
CA GLU A 383 -2.76 16.95 10.94
C GLU A 383 -3.20 15.56 10.53
N MET A 384 -2.46 15.00 9.56
CA MET A 384 -2.74 13.67 8.99
C MET A 384 -2.15 12.59 9.88
N GLU A 385 -0.91 12.82 10.34
CA GLU A 385 -0.28 11.98 11.36
C GLU A 385 -1.19 11.82 12.56
N GLU A 386 -1.67 12.95 13.07
CA GLU A 386 -2.58 12.98 14.22
C GLU A 386 -3.78 12.05 14.04
N ILE A 387 -4.43 12.13 12.87
CA ILE A 387 -5.56 11.27 12.55
C ILE A 387 -5.11 9.82 12.49
N ASN A 388 -3.95 9.58 11.88
CA ASN A 388 -3.51 8.21 11.55
C ASN A 388 -3.10 7.39 12.77
N GLY A 389 -2.52 8.06 13.77
CA GLY A 389 -2.02 7.40 14.97
C GLY A 389 -0.56 7.01 14.88
N ALA A 390 0.04 7.07 13.69
CA ALA A 390 1.50 6.94 13.56
C ALA A 390 2.07 7.89 12.54
N LEU A 391 3.40 7.95 12.46
CA LEU A 391 4.10 8.88 11.55
C LEU A 391 3.62 8.91 10.06
N LEU A 392 4.00 9.90 9.30
CA LEU A 392 3.46 9.99 7.97
C LEU A 392 4.00 8.95 6.98
N ALA A 393 5.28 8.64 7.08
CA ALA A 393 5.82 7.58 6.25
C ALA A 393 4.84 6.36 6.17
N ASP A 394 4.36 5.92 7.32
CA ASP A 394 3.40 4.80 7.44
C ASP A 394 2.21 4.92 6.45
N LEU A 395 1.94 6.13 5.96
CA LEU A 395 0.92 6.30 4.92
C LEU A 395 1.51 6.48 3.54
N TYR A 396 2.56 7.28 3.44
CA TYR A 396 2.99 7.74 2.15
C TYR A 396 3.88 6.77 1.42
N THR A 397 4.51 5.87 2.17
CA THR A 397 5.42 4.90 1.57
C THR A 397 4.60 3.85 0.83
N VAL A 398 3.30 3.84 1.14
CA VAL A 398 2.35 2.88 0.59
C VAL A 398 1.34 3.56 -0.38
N TRP A 399 1.18 4.89 -0.25
CA TRP A 399 0.58 5.70 -1.30
C TRP A 399 1.44 5.50 -2.50
N GLY A 400 2.75 5.50 -2.26
CA GLY A 400 3.73 5.30 -3.29
C GLY A 400 3.42 4.03 -4.03
N SER A 401 3.48 2.92 -3.31
CA SER A 401 3.17 1.62 -3.88
C SER A 401 1.85 1.55 -4.63
N SER A 402 0.80 2.17 -4.09
CA SER A 402 -0.57 2.00 -4.58
C SER A 402 -1.08 2.97 -5.65
N ASN A 403 -0.23 3.86 -6.13
CA ASN A 403 -0.62 4.78 -7.21
C ASN A 403 0.54 5.05 -8.18
N PRO A 404 0.26 5.77 -9.29
CA PRO A 404 1.35 6.12 -10.17
C PRO A 404 2.17 7.28 -9.61
N LYS A 405 3.48 7.12 -9.60
CA LYS A 405 4.34 8.20 -9.25
C LYS A 405 4.59 8.93 -10.55
N ILE A 406 4.44 10.25 -10.49
CA ILE A 406 4.57 11.11 -11.68
C ILE A 406 5.46 12.33 -11.44
N LEU A 407 6.51 12.46 -12.27
CA LEU A 407 7.51 13.52 -12.12
C LEU A 407 7.01 14.87 -12.57
N VAL A 408 7.45 15.92 -11.88
CA VAL A 408 6.90 17.30 -12.04
C VAL A 408 8.03 18.29 -11.73
N ASP A 409 7.92 19.55 -12.18
CA ASP A 409 9.04 20.50 -12.08
C ASP A 409 10.40 19.88 -12.50
N PRO B 26 7.20 -5.20 -3.44
CA PRO B 26 6.73 -4.52 -4.73
C PRO B 26 7.71 -4.70 -5.91
N PRO B 27 7.27 -5.38 -6.96
CA PRO B 27 8.16 -5.50 -8.11
C PRO B 27 8.26 -4.14 -8.85
N LEU B 28 9.47 -3.71 -9.14
CA LEU B 28 9.66 -2.45 -9.83
C LEU B 28 9.56 -2.59 -11.36
N SER B 29 9.73 -3.83 -11.84
CA SER B 29 9.40 -4.16 -13.23
C SER B 29 8.30 -5.21 -13.21
N MET B 30 7.35 -5.04 -14.12
CA MET B 30 6.10 -5.82 -14.11
C MET B 30 5.42 -5.77 -15.46
N ASP B 31 4.77 -6.87 -15.81
CA ASP B 31 4.03 -6.98 -17.06
C ASP B 31 2.60 -7.52 -16.85
N ASN B 32 1.62 -6.62 -16.86
CA ASN B 32 0.22 -7.03 -16.71
C ASN B 32 -0.01 -7.77 -15.39
N GLY B 33 0.75 -7.42 -14.37
CA GLY B 33 0.72 -8.16 -13.11
C GLY B 33 1.39 -9.49 -13.31
N THR B 34 2.64 -9.44 -13.76
CA THR B 34 3.51 -10.61 -13.84
C THR B 34 4.90 -10.15 -13.43
N ASN B 35 5.61 -10.97 -12.66
CA ASN B 35 6.92 -10.61 -12.20
C ASN B 35 7.82 -11.81 -12.10
N ALA B 36 9.11 -11.57 -12.30
CA ALA B 36 10.17 -12.56 -12.11
C ALA B 36 10.64 -12.61 -10.64
N LEU B 37 9.75 -12.21 -9.71
CA LEU B 37 10.04 -12.29 -8.28
C LEU B 37 9.64 -13.63 -7.71
N THR B 38 10.43 -14.14 -6.79
CA THR B 38 10.29 -15.51 -6.31
C THR B 38 10.47 -15.54 -4.79
N VAL B 39 9.74 -16.43 -4.13
CA VAL B 39 9.75 -16.52 -2.65
C VAL B 39 11.15 -16.46 -2.10
N GLN B 40 12.12 -16.81 -2.96
CA GLN B 40 13.54 -16.82 -2.60
C GLN B 40 14.12 -15.43 -2.51
N ASN B 41 13.72 -14.54 -3.42
CA ASN B 41 14.21 -13.18 -3.37
C ASN B 41 13.17 -12.13 -2.99
N SER B 42 11.93 -12.52 -2.80
CA SER B 42 10.95 -11.61 -2.23
C SER B 42 11.15 -11.46 -0.72
N ASN B 43 11.08 -10.25 -0.23
CA ASN B 43 11.40 -10.00 1.16
C ASN B 43 10.17 -10.24 2.04
N ALA B 44 9.03 -9.98 1.44
CA ALA B 44 7.79 -10.36 1.98
C ALA B 44 7.01 -10.62 0.71
N TRP B 45 5.83 -11.21 0.84
CA TRP B 45 5.09 -11.58 -0.35
C TRP B 45 3.70 -12.12 0.00
N VAL B 46 2.83 -12.08 -1.00
CA VAL B 46 1.43 -12.38 -0.85
C VAL B 46 1.16 -13.62 -1.70
N GLU B 47 0.78 -14.73 -1.05
CA GLU B 47 0.48 -15.99 -1.73
C GLU B 47 -0.99 -16.12 -2.07
N VAL B 48 -1.31 -16.14 -3.37
CA VAL B 48 -2.69 -16.36 -3.84
C VAL B 48 -2.95 -17.83 -4.21
N SER B 49 -3.85 -18.49 -3.48
CA SER B 49 -4.10 -19.93 -3.66
C SER B 49 -5.12 -20.29 -4.75
N ALA B 50 -4.62 -20.63 -5.96
CA ALA B 50 -5.47 -20.82 -7.17
C ALA B 50 -6.60 -21.82 -7.03
N SER B 51 -6.44 -22.82 -6.15
CA SER B 51 -7.57 -23.70 -5.81
C SER B 51 -8.56 -22.97 -4.91
N ALA B 52 -8.08 -22.28 -3.89
CA ALA B 52 -8.98 -21.49 -3.05
C ALA B 52 -9.85 -20.64 -3.96
N LEU B 53 -9.22 -20.03 -4.94
CA LEU B 53 -9.91 -19.32 -5.98
C LEU B 53 -10.88 -20.25 -6.72
N GLN B 54 -10.32 -21.16 -7.52
CA GLN B 54 -11.07 -21.99 -8.46
C GLN B 54 -12.24 -22.72 -7.78
N HIS B 55 -12.02 -23.17 -6.55
CA HIS B 55 -13.09 -23.65 -5.65
C HIS B 55 -14.15 -22.60 -5.43
N ASN B 56 -13.77 -21.45 -4.87
CA ASN B 56 -14.75 -20.43 -4.51
C ASN B 56 -15.74 -20.04 -5.65
N ILE B 57 -15.19 -19.80 -6.83
CA ILE B 57 -15.97 -19.60 -8.04
C ILE B 57 -16.94 -20.77 -8.28
N ARG B 58 -16.38 -22.00 -8.37
CA ARG B 58 -17.18 -23.22 -8.63
C ARG B 58 -18.30 -23.32 -7.57
N THR B 59 -17.98 -23.00 -6.31
CA THR B 59 -18.98 -22.96 -5.24
C THR B 59 -20.14 -21.96 -5.48
N LEU B 60 -19.82 -20.67 -5.63
CA LEU B 60 -20.84 -19.70 -6.07
C LEU B 60 -21.69 -20.20 -7.25
N GLN B 61 -21.07 -20.27 -8.44
CA GLN B 61 -21.70 -20.82 -9.65
C GLN B 61 -22.74 -21.92 -9.42
N ALA B 62 -22.46 -22.82 -8.47
CA ALA B 62 -23.40 -23.86 -8.02
C ALA B 62 -24.49 -23.27 -7.14
N GLU B 63 -24.07 -22.71 -6.01
CA GLU B 63 -25.01 -22.15 -5.04
C GLU B 63 -25.95 -21.17 -5.72
N LEU B 64 -25.54 -20.66 -6.86
CA LEU B 64 -26.36 -19.68 -7.56
C LEU B 64 -27.46 -20.39 -8.28
N ALA B 65 -27.07 -21.53 -8.87
CA ALA B 65 -27.97 -22.50 -9.54
C ALA B 65 -28.22 -22.16 -11.00
N GLY B 66 -27.37 -21.32 -11.56
CA GLY B 66 -27.53 -20.94 -12.96
C GLY B 66 -28.78 -20.11 -13.19
N LYS B 67 -29.44 -19.74 -12.08
CA LYS B 67 -30.69 -18.99 -12.10
C LYS B 67 -30.48 -17.48 -12.00
N SER B 68 -29.23 -17.03 -12.16
CA SER B 68 -28.83 -15.66 -11.82
C SER B 68 -27.32 -15.44 -12.10
N ARG B 69 -27.01 -14.47 -12.95
CA ARG B 69 -25.65 -14.25 -13.51
C ARG B 69 -24.57 -13.75 -12.49
N LEU B 70 -23.29 -13.96 -12.82
CA LEU B 70 -22.24 -13.71 -11.85
C LEU B 70 -21.15 -12.76 -12.37
N CYS B 71 -20.98 -11.58 -11.71
CA CYS B 71 -19.72 -10.83 -11.86
C CYS B 71 -18.75 -11.11 -10.76
N ALA B 72 -17.55 -11.43 -11.20
CA ALA B 72 -16.40 -11.41 -10.36
C ALA B 72 -16.06 -9.95 -10.15
N VAL B 73 -16.40 -9.43 -8.98
CA VAL B 73 -15.92 -8.08 -8.60
C VAL B 73 -14.40 -8.14 -8.33
N LEU B 74 -13.63 -7.72 -9.32
CA LEU B 74 -12.17 -7.93 -9.34
C LEU B 74 -11.37 -6.63 -9.17
N LYS B 75 -11.95 -5.67 -8.47
CA LYS B 75 -11.35 -4.34 -8.33
C LYS B 75 -10.30 -4.29 -7.21
N ALA B 76 -9.52 -3.21 -7.19
CA ALA B 76 -8.37 -3.15 -6.31
C ALA B 76 -7.41 -4.27 -6.69
N ASP B 77 -7.05 -4.34 -7.96
CA ASP B 77 -6.26 -5.46 -8.44
C ASP B 77 -6.74 -6.78 -7.83
N ALA B 78 -8.05 -7.02 -7.90
CA ALA B 78 -8.62 -8.27 -7.37
C ALA B 78 -8.42 -8.33 -5.87
N TYR B 79 -9.01 -7.34 -5.17
CA TYR B 79 -8.98 -7.26 -3.70
C TYR B 79 -7.59 -7.52 -3.14
N GLY B 80 -6.58 -7.13 -3.93
CA GLY B 80 -5.19 -7.34 -3.59
C GLY B 80 -4.71 -8.74 -3.87
N HIS B 81 -5.41 -9.45 -4.77
CA HIS B 81 -5.01 -10.83 -5.11
C HIS B 81 -4.31 -11.00 -6.47
N GLY B 82 -4.10 -9.90 -7.16
CA GLY B 82 -3.62 -9.97 -8.51
C GLY B 82 -4.79 -10.16 -9.42
N ILE B 83 -5.08 -9.18 -10.25
CA ILE B 83 -6.17 -9.35 -11.16
C ILE B 83 -5.74 -10.19 -12.35
N GLY B 84 -4.60 -9.86 -12.96
CA GLY B 84 -4.05 -10.68 -14.06
C GLY B 84 -3.73 -12.08 -13.58
N LEU B 85 -3.75 -12.26 -12.25
CA LEU B 85 -3.62 -13.58 -11.63
C LEU B 85 -4.96 -14.32 -11.56
N VAL B 86 -6.00 -13.62 -11.07
CA VAL B 86 -7.37 -14.17 -10.93
C VAL B 86 -8.06 -14.53 -12.29
N MET B 87 -7.66 -13.82 -13.35
CA MET B 87 -8.30 -13.93 -14.70
C MET B 87 -8.37 -15.32 -15.31
N PRO B 88 -7.22 -15.99 -15.47
CA PRO B 88 -7.27 -17.23 -16.27
C PRO B 88 -8.33 -18.21 -15.73
N SER B 89 -8.64 -18.12 -14.43
CA SER B 89 -9.64 -18.98 -13.80
C SER B 89 -11.04 -18.50 -14.13
N ILE B 90 -11.26 -17.19 -14.00
CA ILE B 90 -12.53 -16.57 -14.43
C ILE B 90 -12.94 -16.97 -15.88
N ILE B 91 -12.04 -16.72 -16.85
CA ILE B 91 -12.19 -17.22 -18.25
C ILE B 91 -12.54 -18.71 -18.39
N ALA B 92 -11.82 -19.55 -17.63
CA ALA B 92 -11.98 -20.99 -17.73
C ALA B 92 -13.27 -21.53 -17.09
N GLN B 93 -13.87 -20.77 -16.18
CA GLN B 93 -15.12 -21.19 -15.56
C GLN B 93 -16.31 -20.49 -16.17
N GLY B 94 -16.10 -19.80 -17.28
CA GLY B 94 -17.18 -19.09 -17.97
C GLY B 94 -18.00 -18.18 -17.07
N VAL B 95 -17.33 -17.51 -16.14
CA VAL B 95 -17.86 -16.30 -15.54
C VAL B 95 -18.16 -15.27 -16.66
N PRO B 96 -19.42 -14.81 -16.75
CA PRO B 96 -19.79 -13.95 -17.87
C PRO B 96 -19.44 -12.48 -17.64
N CYS B 97 -19.32 -12.05 -16.38
CA CYS B 97 -18.99 -10.65 -16.17
C CYS B 97 -17.92 -10.37 -15.07
N VAL B 98 -17.10 -9.34 -15.33
CA VAL B 98 -16.12 -8.87 -14.37
C VAL B 98 -16.38 -7.41 -13.98
N ALA B 99 -16.25 -7.10 -12.70
CA ALA B 99 -16.45 -5.71 -12.22
C ALA B 99 -15.14 -5.08 -11.74
N VAL B 100 -14.61 -4.13 -12.53
CA VAL B 100 -13.37 -3.42 -12.18
C VAL B 100 -13.59 -1.96 -11.79
N ALA B 101 -12.53 -1.29 -11.37
CA ALA B 101 -12.67 0.05 -10.82
C ALA B 101 -11.81 1.01 -11.57
N SER B 102 -10.54 0.63 -11.73
CA SER B 102 -9.55 1.48 -12.37
C SER B 102 -9.36 1.09 -13.81
N ASN B 103 -8.72 1.97 -14.56
CA ASN B 103 -8.53 1.76 -15.99
C ASN B 103 -7.57 0.65 -16.26
N GLU B 104 -6.48 0.62 -15.51
CA GLU B 104 -5.48 -0.42 -15.68
C GLU B 104 -6.15 -1.79 -15.51
N GLU B 105 -6.87 -1.97 -14.40
CA GLU B 105 -7.68 -3.17 -14.16
C GLU B 105 -8.44 -3.63 -15.38
N ALA B 106 -8.89 -2.68 -16.18
CA ALA B 106 -9.69 -3.00 -17.31
C ALA B 106 -8.77 -3.43 -18.43
N ARG B 107 -7.76 -2.61 -18.72
CA ARG B 107 -6.73 -2.98 -19.70
C ARG B 107 -6.28 -4.43 -19.48
N VAL B 108 -6.12 -4.82 -18.22
CA VAL B 108 -5.55 -6.11 -17.90
C VAL B 108 -6.55 -7.22 -18.09
N VAL B 109 -7.81 -6.97 -17.71
CA VAL B 109 -8.91 -7.93 -17.99
C VAL B 109 -8.92 -8.28 -19.46
N ARG B 110 -8.83 -7.27 -20.32
CA ARG B 110 -8.87 -7.55 -21.75
C ARG B 110 -7.59 -8.13 -22.26
N ALA B 111 -6.47 -7.68 -21.71
CA ALA B 111 -5.18 -8.23 -22.11
C ALA B 111 -5.18 -9.75 -21.91
N SER B 112 -5.97 -10.19 -20.93
CA SER B 112 -5.91 -11.54 -20.48
C SER B 112 -6.80 -12.43 -21.34
N GLY B 113 -7.40 -11.85 -22.37
CA GLY B 113 -8.39 -12.53 -23.20
C GLY B 113 -9.85 -12.69 -22.69
N PHE B 114 -10.24 -12.01 -21.61
CA PHE B 114 -11.65 -12.04 -21.20
C PHE B 114 -12.39 -11.10 -22.07
N THR B 115 -13.54 -11.55 -22.54
CA THR B 115 -14.16 -11.02 -23.73
C THR B 115 -15.56 -10.48 -23.45
N GLY B 116 -16.15 -10.95 -22.35
CA GLY B 116 -17.56 -10.74 -22.07
C GLY B 116 -17.76 -9.44 -21.34
N GLN B 117 -18.88 -9.34 -20.64
CA GLN B 117 -19.30 -8.09 -20.05
C GLN B 117 -18.36 -7.58 -18.98
N LEU B 118 -17.97 -6.33 -19.14
CA LEU B 118 -16.99 -5.69 -18.28
C LEU B 118 -17.49 -4.32 -17.82
N VAL B 119 -17.97 -4.23 -16.56
CA VAL B 119 -18.55 -3.00 -16.02
C VAL B 119 -17.56 -2.43 -15.07
N ARG B 120 -17.58 -1.11 -14.91
CA ARG B 120 -16.91 -0.41 -13.81
C ARG B 120 -17.87 -0.09 -12.58
N VAL B 121 -17.55 -0.57 -11.38
CA VAL B 121 -18.47 -0.34 -10.21
C VAL B 121 -18.23 0.96 -9.42
N ARG B 122 -17.73 1.99 -10.09
CA ARG B 122 -17.66 3.34 -9.51
C ARG B 122 -17.64 4.44 -10.57
N LEU B 123 -18.18 5.61 -10.25
CA LEU B 123 -18.18 6.71 -11.20
C LEU B 123 -16.76 6.96 -11.51
N ALA B 124 -16.42 7.09 -12.77
CA ALA B 124 -15.07 7.53 -13.14
C ALA B 124 -15.07 9.06 -13.33
N SER B 125 -13.92 9.71 -13.33
CA SER B 125 -13.91 11.07 -13.83
C SER B 125 -13.69 11.07 -15.35
N LEU B 126 -14.21 12.09 -16.02
CA LEU B 126 -14.39 12.06 -17.48
C LEU B 126 -13.14 11.71 -18.25
N SER B 127 -12.04 12.34 -17.86
CA SER B 127 -10.76 12.07 -18.48
C SER B 127 -10.44 10.57 -18.43
N GLU B 128 -10.70 9.95 -17.25
CA GLU B 128 -10.46 8.52 -17.04
C GLU B 128 -11.46 7.68 -17.83
N LEU B 129 -12.76 8.03 -17.70
CA LEU B 129 -13.82 7.40 -18.50
C LEU B 129 -13.49 7.39 -19.99
N GLU B 130 -12.98 8.51 -20.47
CA GLU B 130 -12.66 8.68 -21.86
C GLU B 130 -11.57 7.75 -22.31
N ASP B 131 -10.45 7.81 -21.61
CA ASP B 131 -9.31 6.93 -21.90
C ASP B 131 -9.77 5.43 -22.01
N ALA B 132 -10.68 5.05 -21.14
CA ALA B 132 -11.24 3.69 -21.08
C ALA B 132 -12.07 3.23 -22.29
N LEU B 133 -12.50 4.15 -23.12
CA LEU B 133 -13.36 3.80 -24.24
C LEU B 133 -12.75 2.65 -25.04
N GLN B 134 -11.41 2.67 -25.18
CA GLN B 134 -10.68 1.63 -25.94
C GLN B 134 -10.96 0.19 -25.45
N TYR B 135 -11.33 0.04 -24.19
CA TYR B 135 -11.51 -1.29 -23.55
C TYR B 135 -12.96 -1.82 -23.58
N ASP B 136 -13.90 -0.98 -24.04
CA ASP B 136 -15.29 -1.41 -24.19
C ASP B 136 -15.97 -1.73 -22.86
N MET B 137 -15.82 -0.85 -21.91
CA MET B 137 -16.35 -1.07 -20.59
C MET B 137 -17.67 -0.37 -20.43
N GLU B 138 -18.56 -0.98 -19.68
CA GLU B 138 -19.85 -0.36 -19.34
C GLU B 138 -19.68 0.52 -18.09
N GLU B 139 -20.15 1.75 -18.19
CA GLU B 139 -19.77 2.77 -17.23
C GLU B 139 -20.88 3.07 -16.25
N LEU B 140 -20.51 3.25 -14.98
CA LEU B 140 -21.51 3.56 -13.96
C LEU B 140 -21.89 5.05 -14.00
N VAL B 141 -23.18 5.34 -13.83
CA VAL B 141 -23.72 6.72 -13.99
C VAL B 141 -24.77 7.00 -12.94
N GLY B 142 -24.64 8.14 -12.27
CA GLY B 142 -25.42 8.41 -11.10
C GLY B 142 -26.11 9.76 -11.05
N SER B 143 -25.99 10.54 -12.11
CA SER B 143 -26.68 11.82 -12.14
C SER B 143 -26.81 12.38 -13.54
N ALA B 144 -27.78 13.28 -13.71
CA ALA B 144 -28.17 13.82 -15.00
C ALA B 144 -27.01 14.54 -15.67
N GLU B 145 -26.36 15.42 -14.92
CA GLU B 145 -25.23 16.20 -15.41
C GLU B 145 -24.07 15.28 -15.78
N PHE B 146 -23.73 14.36 -14.86
CA PHE B 146 -22.72 13.39 -15.20
C PHE B 146 -23.04 12.70 -16.52
N ALA B 147 -24.28 12.24 -16.65
CA ALA B 147 -24.71 11.56 -17.83
C ALA B 147 -24.50 12.41 -19.09
N ARG B 148 -24.95 13.65 -19.07
CA ARG B 148 -24.95 14.44 -20.31
C ARG B 148 -23.54 14.69 -20.71
N GLN B 149 -22.71 15.00 -19.72
CA GLN B 149 -21.26 15.14 -19.96
C GLN B 149 -20.73 13.93 -20.73
N VAL B 150 -21.05 12.76 -20.21
CA VAL B 150 -20.53 11.51 -20.69
C VAL B 150 -21.10 11.19 -22.09
N ASP B 151 -22.38 11.50 -22.26
CA ASP B 151 -23.00 11.46 -23.56
C ASP B 151 -22.11 12.21 -24.52
N ALA B 152 -21.64 13.36 -24.07
CA ALA B 152 -20.83 14.22 -24.89
C ALA B 152 -19.62 13.47 -25.47
N ILE B 153 -19.03 12.61 -24.63
CA ILE B 153 -17.77 11.98 -24.99
C ILE B 153 -17.97 10.86 -25.96
N ALA B 154 -18.96 10.03 -25.69
CA ALA B 154 -19.36 8.99 -26.63
C ALA B 154 -19.62 9.65 -27.96
N ALA B 155 -20.40 10.72 -27.91
CA ALA B 155 -20.71 11.53 -29.07
C ALA B 155 -19.42 11.82 -29.82
N ARG B 156 -18.50 12.52 -29.16
CA ARG B 156 -17.28 12.93 -29.84
C ARG B 156 -16.53 11.75 -30.45
N HIS B 157 -16.76 10.55 -29.95
CA HIS B 157 -15.95 9.40 -30.32
C HIS B 157 -16.56 8.45 -31.33
N GLY B 158 -17.81 8.70 -31.69
CA GLY B 158 -18.52 7.82 -32.65
C GLY B 158 -19.06 6.56 -32.00
N LYS B 159 -18.99 6.50 -30.67
CA LYS B 159 -19.39 5.30 -29.94
C LYS B 159 -20.76 5.39 -29.24
N THR B 160 -21.35 4.24 -28.98
CA THR B 160 -22.53 4.16 -28.15
C THR B 160 -22.17 3.49 -26.82
N LEU B 161 -21.80 4.33 -25.84
CA LEU B 161 -21.34 3.82 -24.54
C LEU B 161 -22.47 3.14 -23.75
N ARG B 162 -22.27 1.89 -23.33
CA ARG B 162 -23.26 1.21 -22.48
C ARG B 162 -23.12 1.61 -21.00
N ILE B 163 -24.21 2.01 -20.36
CA ILE B 163 -24.13 2.56 -18.98
C ILE B 163 -25.03 1.82 -17.99
N HIS B 164 -24.52 1.54 -16.79
CA HIS B 164 -25.35 1.01 -15.71
C HIS B 164 -25.86 2.16 -14.88
N MET B 165 -27.16 2.36 -14.82
CA MET B 165 -27.65 3.42 -13.92
C MET B 165 -27.56 3.04 -12.44
N ALA B 166 -27.02 3.93 -11.63
CA ALA B 166 -26.87 3.65 -10.24
C ALA B 166 -28.02 4.28 -9.44
N LEU B 167 -28.78 3.47 -8.73
CA LEU B 167 -29.81 4.02 -7.80
C LEU B 167 -29.38 4.06 -6.35
N ASN B 168 -29.83 5.09 -5.64
CA ASN B 168 -29.51 5.22 -4.24
C ASN B 168 -30.54 4.53 -3.37
N SER B 169 -30.85 3.29 -3.70
CA SER B 169 -31.92 2.56 -3.06
C SER B 169 -31.63 2.16 -1.63
N SER B 170 -30.41 1.75 -1.32
CA SER B 170 -30.06 1.48 0.11
C SER B 170 -29.43 2.65 0.81
N GLY B 171 -29.29 3.75 0.07
CA GLY B 171 -28.91 5.03 0.67
C GLY B 171 -27.47 5.10 1.12
N MET B 172 -26.58 4.68 0.22
CA MET B 172 -25.15 4.82 0.45
C MET B 172 -24.78 6.27 0.24
N SER B 173 -25.53 6.92 -0.66
CA SER B 173 -25.27 8.30 -1.11
C SER B 173 -23.90 8.41 -1.77
N ARG B 174 -23.70 7.74 -2.90
CA ARG B 174 -22.35 7.47 -3.30
C ARG B 174 -22.15 7.52 -4.82
N ASN B 175 -22.91 6.70 -5.53
CA ASN B 175 -22.88 6.67 -7.00
C ASN B 175 -24.29 6.82 -7.47
N GLY B 176 -25.23 6.54 -6.55
CA GLY B 176 -26.67 6.42 -6.86
C GLY B 176 -27.51 7.71 -6.92
N VAL B 177 -28.22 7.90 -8.04
CA VAL B 177 -29.23 8.94 -8.13
C VAL B 177 -30.29 8.68 -7.08
N GLU B 178 -30.55 9.72 -6.26
CA GLU B 178 -31.55 9.68 -5.21
C GLU B 178 -32.94 9.71 -5.79
N MET B 179 -33.66 8.59 -5.63
CA MET B 179 -34.92 8.41 -6.27
C MET B 179 -36.05 8.61 -5.29
N ALA B 180 -35.69 9.10 -4.09
CA ALA B 180 -36.66 9.43 -3.04
C ALA B 180 -37.14 10.86 -3.17
N THR B 181 -36.77 11.52 -4.25
CA THR B 181 -37.10 12.92 -4.45
C THR B 181 -37.37 13.21 -5.91
N TRP B 182 -38.45 13.93 -6.16
CA TRP B 182 -38.92 14.14 -7.51
C TRP B 182 -37.79 14.64 -8.38
N SER B 183 -37.09 15.70 -7.95
CA SER B 183 -35.99 16.29 -8.75
C SER B 183 -35.05 15.18 -9.22
N GLY B 184 -34.58 14.38 -8.24
CA GLY B 184 -33.75 13.20 -8.50
C GLY B 184 -34.44 12.19 -9.43
N ARG B 185 -35.66 11.82 -9.08
CA ARG B 185 -36.46 11.03 -9.98
C ARG B 185 -36.37 11.56 -11.42
N GLY B 186 -36.52 12.87 -11.60
CA GLY B 186 -36.42 13.48 -12.92
C GLY B 186 -35.06 13.21 -13.57
N GLU B 187 -34.00 13.40 -12.78
CA GLU B 187 -32.63 13.15 -13.22
C GLU B 187 -32.48 11.78 -13.86
N ALA B 188 -32.94 10.77 -13.13
CA ALA B 188 -33.04 9.44 -13.65
C ALA B 188 -33.56 9.50 -15.11
N LEU B 189 -34.70 10.15 -15.28
CA LEU B 189 -35.33 10.10 -16.55
C LEU B 189 -34.48 10.67 -17.66
N GLN B 190 -33.74 11.75 -17.39
CA GLN B 190 -32.92 12.35 -18.47
C GLN B 190 -31.62 11.57 -18.69
N ILE B 191 -31.20 10.83 -17.65
CA ILE B 191 -30.11 9.90 -17.81
C ILE B 191 -30.50 8.96 -18.95
N THR B 192 -31.78 8.56 -18.97
CA THR B 192 -32.27 7.64 -20.01
C THR B 192 -32.52 8.33 -21.35
N ASP B 193 -32.74 9.64 -21.33
CA ASP B 193 -32.99 10.40 -22.57
C ASP B 193 -31.74 10.71 -23.40
N GLN B 194 -30.60 10.26 -22.90
CA GLN B 194 -29.33 10.46 -23.53
C GLN B 194 -29.24 9.72 -24.85
N LYS B 195 -28.89 10.45 -25.90
CA LYS B 195 -28.83 9.90 -27.25
C LYS B 195 -27.75 8.86 -27.39
N HIS B 196 -26.59 9.10 -26.79
CA HIS B 196 -25.40 8.27 -27.11
C HIS B 196 -25.03 7.23 -26.03
N LEU B 197 -26.01 6.85 -25.22
CA LEU B 197 -25.79 5.85 -24.20
C LEU B 197 -26.91 4.81 -24.17
N LYS B 198 -26.58 3.57 -24.57
CA LYS B 198 -27.41 2.39 -24.28
C LYS B 198 -27.47 2.15 -22.77
N LEU B 199 -28.65 2.36 -22.17
CA LEU B 199 -28.81 2.08 -20.75
C LEU B 199 -29.11 0.63 -20.67
N VAL B 200 -28.31 -0.14 -19.92
CA VAL B 200 -28.34 -1.62 -20.01
C VAL B 200 -28.51 -2.35 -18.65
N ALA B 201 -28.46 -1.59 -17.56
CA ALA B 201 -28.76 -2.10 -16.23
C ALA B 201 -29.28 -1.00 -15.31
N LEU B 202 -30.00 -1.40 -14.29
CA LEU B 202 -30.16 -0.54 -13.13
C LEU B 202 -29.60 -1.32 -11.95
N MET B 203 -28.84 -0.65 -11.11
CA MET B 203 -28.28 -1.30 -9.92
C MET B 203 -28.26 -0.40 -8.70
N THR B 204 -28.04 -1.00 -7.53
CA THR B 204 -27.73 -0.24 -6.34
C THR B 204 -26.82 -1.12 -5.54
N HIS B 205 -26.28 -0.57 -4.47
CA HIS B 205 -25.48 -1.35 -3.56
C HIS B 205 -25.94 -1.15 -2.09
N PHE B 206 -25.71 -2.18 -1.28
CA PHE B 206 -26.29 -2.25 0.04
C PHE B 206 -25.33 -1.70 1.10
N ALA B 207 -25.89 -1.09 2.15
CA ALA B 207 -25.09 -0.33 3.13
C ALA B 207 -24.81 -1.06 4.44
N VAL B 208 -25.70 -1.97 4.82
CA VAL B 208 -25.51 -2.71 6.08
C VAL B 208 -25.56 -4.20 5.81
N GLU B 209 -24.47 -4.90 6.14
CA GLU B 209 -24.47 -6.36 6.07
C GLU B 209 -25.38 -6.88 7.17
N ASP B 210 -26.67 -7.01 6.83
CA ASP B 210 -27.75 -7.25 7.79
C ASP B 210 -29.00 -7.69 7.02
N LYS B 211 -29.62 -8.77 7.49
CA LYS B 211 -30.72 -9.38 6.77
C LYS B 211 -31.91 -8.42 6.53
N ASP B 212 -32.19 -7.57 7.53
CA ASP B 212 -33.37 -6.69 7.50
C ASP B 212 -33.15 -5.44 6.67
N ASP B 213 -32.04 -4.77 6.98
CA ASP B 213 -31.67 -3.56 6.29
C ASP B 213 -31.41 -3.84 4.78
N VAL B 214 -30.83 -5.00 4.48
CA VAL B 214 -30.67 -5.40 3.08
C VAL B 214 -32.03 -5.61 2.43
N ARG B 215 -33.01 -6.10 3.20
CA ARG B 215 -34.33 -6.35 2.65
C ARG B 215 -35.03 -5.04 2.31
N LYS B 216 -35.11 -4.10 3.27
CA LYS B 216 -35.71 -2.76 3.04
C LYS B 216 -35.21 -2.18 1.73
N GLY B 217 -33.90 -2.35 1.48
CA GLY B 217 -33.22 -1.76 0.34
C GLY B 217 -33.62 -2.43 -0.97
N LEU B 218 -33.68 -3.76 -0.95
CA LEU B 218 -34.22 -4.50 -2.05
C LEU B 218 -35.66 -4.00 -2.37
N ALA B 219 -36.54 -4.03 -1.36
CA ALA B 219 -37.94 -3.57 -1.51
C ALA B 219 -38.03 -2.14 -2.11
N ALA B 220 -37.29 -1.20 -1.51
CA ALA B 220 -37.03 0.09 -2.14
C ALA B 220 -36.59 -0.05 -3.63
N PHE B 221 -35.41 -0.66 -3.88
CA PHE B 221 -34.85 -0.86 -5.26
C PHE B 221 -35.90 -1.37 -6.26
N ASN B 222 -36.75 -2.29 -5.81
CA ASN B 222 -37.79 -2.87 -6.65
C ASN B 222 -38.78 -1.84 -7.21
N GLU B 223 -39.36 -1.02 -6.33
CA GLU B 223 -40.43 -0.10 -6.75
C GLU B 223 -39.85 0.92 -7.73
N GLN B 224 -38.57 1.23 -7.51
CA GLN B 224 -37.82 2.25 -8.23
C GLN B 224 -37.41 1.79 -9.63
N THR B 225 -36.99 0.53 -9.72
CA THR B 225 -36.78 -0.12 -10.99
C THR B 225 -38.09 -0.34 -11.74
N ASP B 226 -39.12 -0.76 -11.01
CA ASP B 226 -40.47 -0.93 -11.59
C ASP B 226 -40.82 0.38 -12.24
N TRP B 227 -40.60 1.44 -11.46
CA TRP B 227 -41.10 2.76 -11.76
C TRP B 227 -40.41 3.32 -12.98
N LEU B 228 -39.10 3.30 -12.94
CA LEU B 228 -38.29 3.70 -14.07
C LEU B 228 -38.64 2.96 -15.39
N ILE B 229 -38.69 1.62 -15.34
CA ILE B 229 -39.02 0.80 -16.50
C ILE B 229 -40.29 1.33 -17.14
N LYS B 230 -41.27 1.57 -16.27
CA LYS B 230 -42.55 2.15 -16.65
C LYS B 230 -42.36 3.55 -17.28
N HIS B 231 -42.18 4.56 -16.43
CA HIS B 231 -42.23 5.94 -16.88
C HIS B 231 -41.26 6.23 -18.01
N ALA B 232 -40.19 5.47 -18.10
CA ALA B 232 -39.23 5.71 -19.16
C ALA B 232 -39.49 4.79 -20.34
N LYS B 233 -40.49 3.91 -20.18
CA LYS B 233 -40.92 3.00 -21.26
C LYS B 233 -39.74 2.12 -21.69
N LEU B 234 -39.43 1.17 -20.83
CA LEU B 234 -38.21 0.39 -20.94
C LEU B 234 -38.40 -1.11 -21.08
N ASP B 235 -37.68 -1.71 -22.03
CA ASP B 235 -37.82 -3.11 -22.30
C ASP B 235 -37.14 -3.92 -21.19
N ARG B 236 -37.94 -4.53 -20.30
CA ARG B 236 -37.40 -5.29 -19.17
C ARG B 236 -36.40 -6.37 -19.62
N SER B 237 -36.61 -6.88 -20.83
CA SER B 237 -35.77 -7.96 -21.38
C SER B 237 -34.40 -7.46 -21.86
N LYS B 238 -34.25 -6.14 -21.95
CA LYS B 238 -32.93 -5.57 -22.21
C LYS B 238 -32.17 -5.09 -20.97
N LEU B 239 -32.87 -4.92 -19.86
CA LEU B 239 -32.21 -4.56 -18.60
C LEU B 239 -31.71 -5.76 -17.81
N THR B 240 -30.53 -5.59 -17.18
CA THR B 240 -30.11 -6.41 -16.02
C THR B 240 -30.39 -5.71 -14.68
N LEU B 241 -31.38 -6.13 -13.93
CA LEU B 241 -31.52 -5.57 -12.60
C LEU B 241 -30.54 -6.27 -11.65
N HIS B 242 -29.54 -5.54 -11.13
CA HIS B 242 -28.44 -6.18 -10.34
C HIS B 242 -27.97 -5.42 -9.12
N ALA B 243 -28.20 -5.99 -7.93
CA ALA B 243 -28.01 -5.27 -6.65
C ALA B 243 -27.11 -5.95 -5.59
N ALA B 244 -27.24 -7.26 -5.45
CA ALA B 244 -26.58 -7.96 -4.33
C ALA B 244 -25.05 -8.02 -4.45
N ASN B 245 -24.37 -7.55 -3.39
CA ASN B 245 -22.95 -7.85 -3.20
C ASN B 245 -22.76 -9.34 -2.85
N SER B 246 -21.62 -9.68 -2.25
CA SER B 246 -21.42 -10.98 -1.60
C SER B 246 -22.39 -11.22 -0.43
N PHE B 247 -22.17 -10.61 0.74
CA PHE B 247 -23.11 -10.83 1.88
C PHE B 247 -24.60 -10.95 1.48
N ALA B 248 -25.05 -10.07 0.57
CA ALA B 248 -26.44 -10.09 0.14
C ALA B 248 -26.76 -11.37 -0.64
N THR B 249 -25.96 -11.66 -1.67
CA THR B 249 -26.11 -12.94 -2.37
C THR B 249 -26.24 -14.12 -1.41
N LEU B 250 -25.27 -14.26 -0.51
CA LEU B 250 -25.23 -15.43 0.39
C LEU B 250 -26.32 -15.43 1.44
N GLU B 251 -26.62 -14.29 2.03
CA GLU B 251 -27.57 -14.26 3.15
C GLU B 251 -29.01 -13.87 2.80
N VAL B 252 -29.25 -13.44 1.55
CA VAL B 252 -30.59 -12.96 1.12
C VAL B 252 -30.93 -13.30 -0.38
N PRO B 253 -31.07 -14.59 -0.70
CA PRO B 253 -31.32 -15.08 -2.05
C PRO B 253 -32.22 -14.22 -2.95
N GLU B 254 -33.35 -13.74 -2.43
CA GLU B 254 -34.31 -13.01 -3.30
C GLU B 254 -33.69 -11.73 -3.94
N ALA B 255 -32.60 -11.22 -3.34
CA ALA B 255 -31.91 -10.06 -3.88
C ALA B 255 -30.95 -10.41 -5.05
N ARG B 256 -30.89 -11.68 -5.42
CA ARG B 256 -30.04 -12.08 -6.53
C ARG B 256 -30.50 -11.51 -7.86
N LEU B 257 -31.83 -11.32 -8.02
CA LEU B 257 -32.35 -10.68 -9.26
C LEU B 257 -31.60 -11.15 -10.52
N ASP B 258 -31.46 -10.29 -11.52
CA ASP B 258 -30.83 -10.78 -12.75
C ASP B 258 -29.37 -11.20 -12.61
N MET B 259 -28.66 -10.59 -11.67
CA MET B 259 -27.21 -10.80 -11.54
C MET B 259 -26.69 -10.31 -10.19
N VAL B 260 -25.52 -10.83 -9.82
CA VAL B 260 -24.87 -10.44 -8.58
C VAL B 260 -23.47 -9.87 -8.78
N ARG B 261 -22.86 -9.49 -7.67
CA ARG B 261 -21.62 -8.76 -7.75
C ARG B 261 -20.84 -9.11 -6.51
N THR B 262 -19.95 -10.08 -6.66
CA THR B 262 -19.24 -10.62 -5.53
C THR B 262 -17.70 -10.46 -5.63
N GLY B 263 -17.09 -10.00 -4.54
CA GLY B 263 -15.64 -10.04 -4.38
C GLY B 263 -15.30 -10.97 -3.23
N GLY B 264 -15.57 -10.51 -2.00
CA GLY B 264 -15.27 -11.24 -0.75
C GLY B 264 -15.42 -12.73 -0.82
N ALA B 265 -16.60 -13.17 -1.24
CA ALA B 265 -16.88 -14.58 -1.49
C ALA B 265 -15.82 -15.28 -2.37
N LEU B 266 -15.48 -14.67 -3.51
CA LEU B 266 -14.45 -15.20 -4.43
C LEU B 266 -13.14 -15.45 -3.71
N PHE B 267 -12.84 -14.56 -2.76
CA PHE B 267 -11.58 -14.58 -2.07
C PHE B 267 -11.67 -15.23 -0.68
N GLY B 268 -12.85 -15.66 -0.31
CA GLY B 268 -13.06 -16.25 0.99
C GLY B 268 -12.97 -15.27 2.13
N ASP B 269 -13.28 -14.02 1.84
CA ASP B 269 -13.49 -13.02 2.90
C ASP B 269 -14.91 -12.49 2.80
N THR B 270 -15.81 -13.19 3.47
CA THR B 270 -17.21 -12.84 3.44
C THR B 270 -17.79 -13.23 4.82
N VAL B 271 -19.09 -13.50 4.92
CA VAL B 271 -19.70 -13.99 6.17
C VAL B 271 -18.80 -15.02 6.86
N PRO B 272 -18.24 -14.68 8.03
CA PRO B 272 -17.36 -15.67 8.69
C PRO B 272 -18.01 -17.04 8.80
N ALA B 273 -19.31 -17.05 9.07
CA ALA B 273 -20.09 -18.28 9.25
C ALA B 273 -20.01 -19.24 8.03
N ARG B 274 -20.02 -18.68 6.84
CA ARG B 274 -19.91 -19.49 5.62
C ARG B 274 -18.49 -19.95 5.38
N THR B 275 -18.16 -21.10 5.95
CA THR B 275 -16.81 -21.58 5.85
C THR B 275 -16.58 -22.35 4.55
N GLU B 276 -17.62 -22.58 3.76
CA GLU B 276 -17.43 -23.24 2.47
C GLU B 276 -16.62 -22.36 1.51
N TYR B 277 -16.40 -21.11 1.92
CA TYR B 277 -15.61 -20.15 1.14
C TYR B 277 -14.22 -19.93 1.75
N GLN B 278 -13.20 -20.19 0.95
CA GLN B 278 -11.84 -20.43 1.43
C GLN B 278 -10.94 -19.22 1.25
N ARG B 279 -10.01 -19.00 2.19
CA ARG B 279 -9.09 -17.86 2.04
C ARG B 279 -8.20 -18.10 0.87
N ALA B 280 -8.07 -17.11 0.01
CA ALA B 280 -7.26 -17.27 -1.15
C ALA B 280 -5.91 -16.64 -0.95
N MET B 281 -5.75 -15.93 0.17
CA MET B 281 -4.51 -15.16 0.45
C MET B 281 -3.77 -15.49 1.77
N GLN B 282 -2.45 -15.61 1.69
CA GLN B 282 -1.63 -15.67 2.89
C GLN B 282 -0.55 -14.59 2.80
N PHE B 283 -0.18 -14.00 3.92
CA PHE B 283 0.87 -12.96 3.95
C PHE B 283 2.10 -13.50 4.72
N LYS B 284 3.29 -13.25 4.16
CA LYS B 284 4.45 -14.09 4.43
C LYS B 284 5.74 -13.32 4.30
N SER B 285 6.76 -13.76 5.02
CA SER B 285 8.05 -13.10 5.08
C SER B 285 9.09 -14.08 5.60
N HIS B 286 10.31 -13.59 5.89
CA HIS B 286 11.44 -14.44 6.30
C HIS B 286 12.08 -14.00 7.61
N VAL B 287 12.80 -14.92 8.26
CA VAL B 287 13.73 -14.49 9.30
C VAL B 287 15.09 -14.06 8.71
N ALA B 288 15.46 -12.82 8.98
CA ALA B 288 16.76 -12.31 8.64
C ALA B 288 17.77 -13.07 9.44
N ALA B 289 17.67 -12.94 10.75
CA ALA B 289 18.52 -13.68 11.69
C ALA B 289 17.95 -13.52 13.08
N VAL B 290 18.61 -14.11 14.09
CA VAL B 290 18.16 -14.01 15.49
C VAL B 290 19.25 -13.50 16.47
N HIS B 291 19.02 -12.34 17.06
CA HIS B 291 20.03 -11.73 17.90
C HIS B 291 19.74 -11.91 19.41
N SER B 292 20.81 -12.14 20.18
CA SER B 292 20.75 -12.15 21.64
C SER B 292 20.88 -10.76 22.12
N TYR B 293 19.78 -10.20 22.59
CA TYR B 293 19.83 -8.94 23.30
C TYR B 293 19.58 -9.15 24.81
N PRO B 294 20.34 -8.42 25.66
CA PRO B 294 20.33 -8.60 27.09
C PRO B 294 19.22 -7.82 27.75
N ALA B 295 18.87 -8.21 28.98
CA ALA B 295 17.80 -7.57 29.73
C ALA B 295 18.14 -6.11 29.91
N GLY B 296 17.13 -5.26 30.03
CA GLY B 296 17.36 -3.83 30.19
C GLY B 296 17.36 -3.02 28.90
N ASN B 297 17.89 -3.59 27.81
CA ASN B 297 17.74 -3.04 26.44
C ASN B 297 16.30 -2.74 26.12
N THR B 298 16.12 -1.73 25.28
CA THR B 298 14.80 -1.46 24.74
C THR B 298 14.87 -1.64 23.24
N VAL B 299 13.71 -1.81 22.63
CA VAL B 299 13.61 -2.22 21.25
C VAL B 299 12.98 -1.13 20.39
N GLY B 300 13.65 -0.78 19.30
CA GLY B 300 13.06 0.08 18.26
C GLY B 300 12.94 1.54 18.66
N TYR B 301 12.66 2.40 17.68
CA TYR B 301 12.45 3.83 17.92
C TYR B 301 11.66 4.08 19.19
N ASP B 302 12.10 5.08 19.94
CA ASP B 302 11.37 5.59 21.09
C ASP B 302 11.27 4.61 22.28
N ARG B 303 12.19 3.67 22.35
CA ARG B 303 12.27 2.79 23.50
C ARG B 303 10.94 2.16 23.91
N THR B 304 9.96 2.16 23.01
CA THR B 304 8.61 1.62 23.28
C THR B 304 8.52 0.34 24.16
N PHE B 305 9.57 -0.47 24.19
CA PHE B 305 9.51 -1.80 24.83
C PHE B 305 10.80 -2.17 25.53
N THR B 306 10.69 -2.53 26.82
CA THR B 306 11.88 -2.92 27.61
C THR B 306 11.97 -4.44 27.84
N LEU B 307 13.17 -4.98 27.73
CA LEU B 307 13.34 -6.43 27.85
C LEU B 307 13.34 -6.81 29.31
N ALA B 308 12.34 -7.59 29.72
CA ALA B 308 12.23 -8.03 31.10
C ALA B 308 13.17 -9.21 31.36
N ARG B 309 13.81 -9.72 30.30
CA ARG B 309 14.70 -10.88 30.37
C ARG B 309 15.73 -10.80 29.27
N ASP B 310 16.79 -11.59 29.39
CA ASP B 310 17.75 -11.77 28.31
C ASP B 310 17.09 -12.49 27.14
N SER B 311 16.78 -11.74 26.09
CA SER B 311 15.98 -12.26 24.99
C SER B 311 16.77 -12.82 23.78
N ARG B 312 16.05 -13.54 22.92
CA ARG B 312 16.49 -13.89 21.58
C ARG B 312 15.45 -13.29 20.66
N LEU B 313 15.87 -12.29 19.88
CA LEU B 313 14.95 -11.53 19.06
C LEU B 313 15.10 -11.91 17.60
N ALA B 314 13.97 -12.17 16.94
CA ALA B 314 13.98 -12.52 15.51
C ALA B 314 13.80 -11.26 14.71
N ASN B 315 14.64 -11.12 13.68
CA ASN B 315 14.61 -9.97 12.78
C ASN B 315 13.88 -10.32 11.49
N ILE B 316 12.74 -9.72 11.25
CA ILE B 316 11.90 -10.14 10.12
C ILE B 316 11.97 -9.14 8.97
N THR B 317 12.23 -9.62 7.75
CA THR B 317 12.42 -8.73 6.60
C THR B 317 11.09 -8.19 6.05
N VAL B 318 10.25 -7.71 6.97
CA VAL B 318 8.98 -7.06 6.64
C VAL B 318 8.73 -5.91 7.61
N GLY B 319 7.97 -4.92 7.16
CA GLY B 319 7.92 -3.60 7.80
C GLY B 319 6.73 -2.79 7.30
N TYR B 320 6.51 -1.58 7.82
CA TYR B 320 5.27 -0.87 7.51
C TYR B 320 5.19 -0.38 6.09
N SER B 321 6.36 -0.09 5.50
CA SER B 321 6.44 0.22 4.09
C SER B 321 5.96 -0.97 3.29
N ASP B 322 6.11 -2.15 3.85
CA ASP B 322 5.73 -3.38 3.14
C ASP B 322 4.24 -3.65 3.18
N GLY B 323 3.52 -2.86 3.95
CA GLY B 323 2.09 -3.10 4.15
C GLY B 323 1.76 -3.46 5.58
N TYR B 324 2.70 -4.16 6.25
CA TYR B 324 2.60 -4.45 7.70
C TYR B 324 2.73 -3.21 8.59
N ARG B 325 1.60 -2.59 8.90
CA ARG B 325 1.58 -1.19 9.29
C ARG B 325 1.80 -0.91 10.77
N ARG B 326 2.09 0.36 11.09
CA ARG B 326 2.54 0.78 12.43
C ARG B 326 1.54 0.52 13.53
N VAL B 327 0.28 0.38 13.19
CA VAL B 327 -0.75 0.03 14.18
C VAL B 327 -0.40 -1.21 15.06
N PHE B 328 0.49 -2.07 14.55
CA PHE B 328 0.83 -3.36 15.16
C PHE B 328 2.00 -3.32 16.13
N THR B 329 2.55 -2.12 16.35
CA THR B 329 3.58 -1.91 17.38
C THR B 329 3.18 -2.49 18.73
N ASN B 330 3.93 -3.50 19.18
CA ASN B 330 3.69 -4.12 20.50
C ASN B 330 2.29 -4.68 20.67
N LYS B 331 1.70 -5.09 19.55
CA LYS B 331 0.33 -5.58 19.53
C LYS B 331 0.20 -6.90 18.78
N GLY B 332 0.95 -7.02 17.68
CA GLY B 332 0.71 -8.07 16.72
C GLY B 332 1.31 -9.39 17.16
N HIS B 333 0.81 -10.47 16.55
CA HIS B 333 1.45 -11.75 16.66
C HIS B 333 1.69 -12.29 15.27
N VAL B 334 2.73 -13.08 15.13
CA VAL B 334 3.10 -13.64 13.84
C VAL B 334 3.43 -15.07 14.14
N LEU B 335 3.39 -15.93 13.11
CA LEU B 335 3.75 -17.35 13.31
C LEU B 335 5.10 -17.73 12.70
N ILE B 336 5.89 -18.47 13.49
CA ILE B 336 7.03 -19.17 12.95
C ILE B 336 7.06 -20.57 13.50
N ASN B 337 7.30 -21.55 12.60
CA ASN B 337 7.19 -22.96 12.95
C ASN B 337 5.95 -23.23 13.78
N GLY B 338 4.87 -22.54 13.44
CA GLY B 338 3.64 -22.73 14.14
C GLY B 338 3.61 -22.05 15.48
N HIS B 339 4.52 -21.13 15.74
CA HIS B 339 4.52 -20.51 17.06
C HIS B 339 3.94 -19.10 17.10
N ARG B 340 2.97 -18.88 17.99
CA ARG B 340 2.48 -17.52 18.25
C ARG B 340 3.56 -16.66 18.89
N ILE B 341 4.16 -15.76 18.12
CA ILE B 341 5.32 -15.00 18.58
C ILE B 341 4.98 -13.51 18.51
N PRO B 342 5.33 -12.71 19.55
CA PRO B 342 4.78 -11.35 19.59
C PRO B 342 5.68 -10.25 18.94
N VAL B 343 5.05 -9.28 18.27
CA VAL B 343 5.78 -8.13 17.74
C VAL B 343 6.31 -7.35 18.90
N VAL B 344 7.57 -6.94 18.80
CA VAL B 344 8.14 -6.10 19.83
C VAL B 344 8.78 -4.85 19.25
N GLY B 345 8.52 -3.73 19.90
CA GLY B 345 9.04 -2.47 19.46
C GLY B 345 8.26 -1.98 18.27
N LYS B 346 8.42 -0.72 17.96
CA LYS B 346 7.71 -0.14 16.85
C LYS B 346 8.06 -0.84 15.51
N VAL B 347 7.03 -1.21 14.75
CA VAL B 347 7.24 -1.77 13.42
C VAL B 347 8.01 -0.72 12.62
N SER B 348 9.25 -1.03 12.23
CA SER B 348 10.09 -0.08 11.52
C SER B 348 9.68 -0.17 10.12
N MET B 349 10.33 0.61 9.25
CA MET B 349 9.88 0.75 7.87
C MET B 349 10.06 -0.53 7.10
N ASN B 350 11.14 -1.25 7.40
CA ASN B 350 11.41 -2.49 6.68
C ASN B 350 11.55 -3.70 7.52
N THR B 351 12.20 -3.57 8.66
CA THR B 351 12.37 -4.71 9.50
C THR B 351 11.33 -4.72 10.65
N LEU B 352 11.01 -5.92 11.12
CA LEU B 352 10.08 -6.14 12.20
C LEU B 352 10.72 -7.07 13.23
N MET B 353 10.62 -6.70 14.51
CA MET B 353 11.31 -7.41 15.58
C MET B 353 10.32 -8.22 16.38
N VAL B 354 10.52 -9.54 16.48
CA VAL B 354 9.62 -10.37 17.32
C VAL B 354 10.40 -11.19 18.39
N ASP B 355 9.71 -11.61 19.46
CA ASP B 355 10.38 -12.28 20.60
C ASP B 355 10.38 -13.80 20.59
N VAL B 356 11.49 -14.38 20.14
CA VAL B 356 11.60 -15.83 20.01
C VAL B 356 12.34 -16.48 21.18
N THR B 357 12.45 -15.73 22.30
CA THR B 357 13.15 -16.23 23.51
C THR B 357 12.56 -17.52 24.01
N ASP B 358 11.24 -17.68 23.88
CA ASP B 358 10.54 -18.92 24.25
C ASP B 358 10.56 -20.04 23.18
N PHE B 359 11.27 -19.82 22.07
CA PHE B 359 11.12 -20.66 20.87
C PHE B 359 12.38 -20.94 20.08
N PRO B 360 13.33 -21.68 20.66
CA PRO B 360 14.64 -21.94 20.04
C PRO B 360 14.62 -22.69 18.72
N ASP B 361 13.48 -23.22 18.31
CA ASP B 361 13.47 -23.81 16.97
C ASP B 361 13.58 -22.75 15.87
N VAL B 362 13.35 -21.48 16.23
CA VAL B 362 13.34 -20.39 15.26
C VAL B 362 14.73 -20.03 14.78
N LYS B 363 15.03 -20.35 13.53
CA LYS B 363 16.34 -20.02 12.94
C LYS B 363 16.20 -19.07 11.76
N GLY B 364 17.31 -18.51 11.30
CA GLY B 364 17.28 -17.62 10.15
C GLY B 364 16.84 -18.41 8.96
N GLY B 365 16.15 -17.75 8.03
CA GLY B 365 15.57 -18.42 6.84
C GLY B 365 14.15 -18.96 6.98
N ASN B 366 13.68 -19.19 8.21
CA ASN B 366 12.30 -19.66 8.45
C ASN B 366 11.22 -18.76 7.84
N GLU B 367 10.21 -19.39 7.23
CA GLU B 367 9.07 -18.69 6.67
C GLU B 367 8.17 -18.14 7.80
N VAL B 368 7.67 -16.93 7.61
CA VAL B 368 6.83 -16.26 8.60
C VAL B 368 5.44 -15.90 8.06
N VAL B 369 4.40 -16.41 8.70
CA VAL B 369 3.06 -15.96 8.40
C VAL B 369 2.72 -14.75 9.26
N LEU B 370 2.32 -13.67 8.57
CA LEU B 370 1.96 -12.42 9.22
C LEU B 370 0.47 -12.37 9.22
N PHE B 371 -0.12 -12.93 8.18
CA PHE B 371 -1.53 -13.25 8.19
C PHE B 371 -1.82 -14.59 7.50
N GLY B 372 -2.51 -15.47 8.23
CA GLY B 372 -2.89 -16.78 7.71
C GLY B 372 -2.79 -17.89 8.70
N LYS B 373 -2.32 -19.06 8.24
CA LYS B 373 -2.21 -20.27 9.07
C LYS B 373 -0.87 -20.93 8.84
N GLN B 374 -0.24 -21.41 9.92
CA GLN B 374 1.00 -22.17 9.80
C GLN B 374 0.94 -23.40 10.69
N ALA B 375 1.39 -24.52 10.16
CA ALA B 375 1.13 -25.82 10.78
C ALA B 375 0.50 -25.69 12.17
N GLY B 376 -0.82 -25.61 12.22
CA GLY B 376 -1.50 -25.71 13.52
C GLY B 376 -1.85 -24.42 14.23
N GLY B 377 -1.08 -23.37 14.00
CA GLY B 377 -1.44 -22.03 14.47
C GLY B 377 -2.21 -21.26 13.41
N GLU B 378 -2.75 -20.10 13.77
CA GLU B 378 -3.61 -19.36 12.86
C GLU B 378 -3.68 -17.90 13.25
N ILE B 379 -3.27 -17.01 12.33
CA ILE B 379 -3.47 -15.56 12.49
C ILE B 379 -4.76 -15.15 11.82
N THR B 380 -5.79 -14.98 12.66
CA THR B 380 -7.19 -14.78 12.24
C THR B 380 -7.45 -13.38 11.72
N GLN B 381 -8.30 -13.29 10.71
CA GLN B 381 -8.80 -11.99 10.28
C GLN B 381 -9.37 -11.22 11.49
N ALA B 382 -10.16 -11.90 12.31
CA ALA B 382 -10.82 -11.25 13.46
C ALA B 382 -9.84 -10.52 14.41
N GLU B 383 -8.66 -11.12 14.61
CA GLU B 383 -7.75 -10.63 15.62
C GLU B 383 -6.94 -9.45 15.11
N MET B 384 -6.81 -9.35 13.78
CA MET B 384 -6.04 -8.27 13.12
C MET B 384 -6.92 -7.04 12.94
N GLU B 385 -8.18 -7.26 12.53
CA GLU B 385 -9.19 -6.19 12.42
C GLU B 385 -9.32 -5.46 13.75
N GLU B 386 -9.46 -6.23 14.82
CA GLU B 386 -9.26 -5.80 16.20
C GLU B 386 -8.25 -4.65 16.40
N ILE B 387 -6.99 -4.91 16.00
CA ILE B 387 -5.88 -3.96 16.12
C ILE B 387 -5.92 -2.88 15.05
N ASN B 388 -6.31 -3.23 13.84
CA ASN B 388 -6.38 -2.24 12.78
C ASN B 388 -7.43 -1.19 13.15
N GLY B 389 -8.66 -1.64 13.34
CA GLY B 389 -9.73 -0.72 13.63
C GLY B 389 -10.60 -0.58 12.42
N ALA B 390 -10.28 -1.34 11.38
CA ALA B 390 -11.06 -1.32 10.14
C ALA B 390 -11.14 -2.71 9.61
N LEU B 391 -12.00 -2.95 8.63
CA LEU B 391 -12.05 -4.27 8.01
C LEU B 391 -10.67 -4.72 7.46
N LEU B 392 -10.45 -6.02 7.40
CA LEU B 392 -9.18 -6.56 6.92
C LEU B 392 -8.77 -6.11 5.49
N ALA B 393 -9.77 -5.92 4.62
CA ALA B 393 -9.50 -5.33 3.30
C ALA B 393 -8.74 -3.95 3.37
N ASP B 394 -8.80 -3.28 4.50
CA ASP B 394 -8.16 -1.99 4.60
C ASP B 394 -6.64 -2.18 4.57
N LEU B 395 -6.23 -3.35 5.05
CA LEU B 395 -4.81 -3.72 5.11
C LEU B 395 -4.39 -4.46 3.84
N TYR B 396 -5.19 -5.41 3.43
CA TYR B 396 -4.66 -6.42 2.58
C TYR B 396 -4.84 -6.11 1.14
N THR B 397 -5.72 -5.16 0.84
CA THR B 397 -5.75 -4.65 -0.51
C THR B 397 -4.38 -4.00 -0.81
N VAL B 398 -3.74 -3.47 0.25
CA VAL B 398 -2.46 -2.76 0.12
C VAL B 398 -1.28 -3.68 0.31
N TRP B 399 -1.44 -4.74 1.10
CA TRP B 399 -0.44 -5.79 1.10
C TRP B 399 -0.26 -6.21 -0.34
N GLY B 400 -1.39 -6.34 -1.04
CA GLY B 400 -1.42 -6.68 -2.44
C GLY B 400 -0.50 -5.79 -3.21
N SER B 401 -0.55 -4.50 -2.92
CA SER B 401 0.12 -3.52 -3.76
C SER B 401 1.63 -3.46 -3.51
N SER B 402 2.04 -3.61 -2.24
CA SER B 402 3.42 -3.34 -1.84
C SER B 402 4.24 -4.60 -1.74
N ASN B 403 3.71 -5.68 -2.28
CA ASN B 403 4.38 -6.95 -2.22
C ASN B 403 4.16 -7.72 -3.50
N PRO B 404 5.08 -8.61 -3.86
CA PRO B 404 4.75 -9.37 -5.05
C PRO B 404 3.70 -10.45 -4.71
N LYS B 405 2.80 -10.69 -5.66
CA LYS B 405 1.81 -11.76 -5.51
C LYS B 405 2.30 -13.00 -6.27
N ILE B 406 2.21 -14.15 -5.60
CA ILE B 406 2.76 -15.38 -6.13
C ILE B 406 1.70 -16.47 -6.12
N LEU B 407 1.39 -17.01 -7.31
CA LEU B 407 0.34 -18.04 -7.43
C LEU B 407 0.76 -19.33 -6.80
N VAL B 408 -0.16 -19.94 -6.06
CA VAL B 408 0.07 -21.27 -5.45
C VAL B 408 -1.10 -22.31 -5.67
N ASP B 409 -0.77 -23.61 -5.61
CA ASP B 409 -1.78 -24.68 -5.81
C ASP B 409 -2.37 -24.70 -7.23
#